data_1EE0
#
_entry.id   1EE0
#
_cell.length_a   83.406
_cell.length_b   83.406
_cell.length_c   240.625
_cell.angle_alpha   90.00
_cell.angle_beta   90.00
_cell.angle_gamma   120.00
#
_symmetry.space_group_name_H-M   'P 31 2 1'
#
loop_
_entity.id
_entity.type
_entity.pdbx_description
1 polymer '2-PYRONE SYNTHASE'
2 non-polymer 'ACETOACETYL-COENZYME A'
3 water water
#
_entity_poly.entity_id   1
_entity_poly.type   'polypeptide(L)'
_entity_poly.pdbx_seq_one_letter_code
;MGSYSSDDVEVIREAGRAQGLATILAIGTATPPNCVAQADYADYYFRVTKSEHMVDLKEKFKRICEKTAIKKRYLALTED
YLQENPTMCEFMAPSLNARQDLVVTGVPMLGKEAAVKAIDEWGLPKSKITHLIFCTTAGVDMPGADYQLVKLLGLSPSVK
RYMLYQQG(CSD)AAGGTVLRLAKDLAENNKGSRVLIVCSEITAILFHGPNENHLDSLVAQALFGDGAAALIVGSGPHLA
VERPIFEIVSTDQTILPDTEKAMKLHLREGGLTFQLHRDVPLMVAKNIENAAEKALSPLGITDWNSVFWMVHPGGRAILD
QVERKLNLKEDKLRASRHVLSEYGNLISACVLFIIDEVRKRSMAEGKSTTGEGLDCGVLFGFGPGMTVETVVLRSVRVTA
AVANGN
;
_entity_poly.pdbx_strand_id   A,B
#
# COMPACT_ATOMS: atom_id res chain seq x y z
N GLY A 20 26.49 -1.05 -5.51
CA GLY A 20 26.27 -0.06 -6.60
C GLY A 20 24.79 0.35 -6.59
N LEU A 21 24.46 1.20 -7.56
CA LEU A 21 23.10 1.68 -7.72
C LEU A 21 22.13 0.56 -8.16
N ALA A 22 20.93 0.62 -7.60
CA ALA A 22 19.83 -0.19 -8.08
C ALA A 22 19.73 -0.02 -9.59
N THR A 23 19.72 -1.14 -10.30
CA THR A 23 19.64 -1.08 -11.77
C THR A 23 18.47 -1.87 -12.33
N ILE A 24 17.83 -1.31 -13.33
CA ILE A 24 16.74 -1.93 -14.00
C ILE A 24 17.40 -2.91 -15.03
N LEU A 25 17.07 -4.18 -14.90
CA LEU A 25 17.64 -5.29 -15.64
C LEU A 25 16.69 -5.95 -16.61
N ALA A 26 15.37 -5.77 -16.50
CA ALA A 26 14.46 -6.31 -17.46
C ALA A 26 13.13 -5.61 -17.30
N ILE A 27 12.42 -5.51 -18.43
CA ILE A 27 11.11 -4.90 -18.43
C ILE A 27 10.15 -5.72 -19.29
N GLY A 28 8.98 -6.03 -18.79
CA GLY A 28 7.91 -6.74 -19.50
C GLY A 28 6.59 -5.98 -19.40
N THR A 29 5.84 -5.90 -20.50
CA THR A 29 4.50 -5.28 -20.43
C THR A 29 3.42 -6.22 -20.91
N ALA A 30 2.16 -6.01 -20.61
CA ALA A 30 1.00 -6.75 -21.08
C ALA A 30 -0.21 -5.82 -21.03
N THR A 31 -1.19 -6.09 -21.84
CA THR A 31 -2.49 -5.40 -21.84
C THR A 31 -3.59 -6.43 -22.01
N PRO A 32 -4.81 -6.15 -21.59
CA PRO A 32 -5.95 -6.95 -21.95
C PRO A 32 -6.06 -7.06 -23.47
N PRO A 33 -6.69 -8.10 -23.99
CA PRO A 33 -6.85 -8.32 -25.41
C PRO A 33 -7.74 -7.32 -26.13
N ASN A 34 -8.88 -6.95 -25.58
CA ASN A 34 -9.87 -6.03 -26.19
C ASN A 34 -9.25 -4.65 -26.34
N CYS A 35 -9.21 -4.13 -27.56
CA CYS A 35 -8.69 -2.84 -27.91
C CYS A 35 -9.83 -1.98 -28.42
N VAL A 36 -9.96 -0.72 -28.06
CA VAL A 36 -11.02 0.15 -28.59
C VAL A 36 -10.39 1.43 -29.17
N ALA A 37 -10.67 1.74 -30.44
CA ALA A 37 -10.09 2.94 -31.02
C ALA A 37 -10.74 4.17 -30.36
N GLN A 38 -9.95 5.20 -30.14
CA GLN A 38 -10.47 6.44 -29.54
C GLN A 38 -11.42 7.17 -30.45
N ALA A 39 -11.18 7.09 -31.78
CA ALA A 39 -12.07 7.64 -32.79
C ALA A 39 -13.44 6.97 -32.75
N ASP A 40 -13.57 5.78 -32.15
CA ASP A 40 -14.87 5.16 -31.99
C ASP A 40 -15.41 5.20 -30.56
N TYR A 41 -14.57 5.63 -29.60
CA TYR A 41 -14.99 5.60 -28.20
C TYR A 41 -16.23 6.36 -27.83
N ALA A 42 -16.45 7.58 -28.35
CA ALA A 42 -17.64 8.33 -28.01
C ALA A 42 -18.92 7.57 -28.36
N ASP A 43 -18.99 7.04 -29.59
CA ASP A 43 -20.12 6.26 -30.02
C ASP A 43 -20.31 4.98 -29.20
N TYR A 44 -19.24 4.28 -28.88
CA TYR A 44 -19.30 3.09 -28.04
C TYR A 44 -19.85 3.40 -26.66
N TYR A 45 -19.27 4.45 -26.06
CA TYR A 45 -19.59 4.81 -24.67
C TYR A 45 -21.02 5.20 -24.45
N PHE A 46 -21.54 6.10 -25.29
CA PHE A 46 -22.91 6.57 -25.20
C PHE A 46 -23.92 5.50 -25.62
N ARG A 47 -23.48 4.55 -26.38
CA ARG A 47 -24.34 3.43 -26.79
C ARG A 47 -24.48 2.43 -25.62
N VAL A 48 -23.29 1.97 -25.08
CA VAL A 48 -23.35 1.00 -23.98
C VAL A 48 -23.90 1.55 -22.67
N THR A 49 -23.79 2.85 -22.48
CA THR A 49 -24.35 3.45 -21.26
C THR A 49 -25.76 3.96 -21.55
N LYS A 50 -26.34 3.69 -22.72
CA LYS A 50 -27.71 4.04 -23.03
C LYS A 50 -28.03 5.52 -22.82
N SER A 51 -27.14 6.39 -23.31
CA SER A 51 -27.23 7.81 -23.01
C SER A 51 -27.31 8.64 -24.28
N GLU A 52 -27.82 8.03 -25.34
CA GLU A 52 -27.93 8.70 -26.63
C GLU A 52 -28.73 9.99 -26.63
N HIS A 53 -29.69 10.14 -25.76
CA HIS A 53 -30.50 11.34 -25.63
C HIS A 53 -29.68 12.49 -25.07
N MET A 54 -28.53 12.25 -24.44
CA MET A 54 -27.64 13.33 -24.05
C MET A 54 -26.75 13.75 -25.22
N VAL A 55 -27.35 14.33 -26.25
CA VAL A 55 -26.70 14.74 -27.49
C VAL A 55 -25.55 15.72 -27.28
N ASP A 56 -25.79 16.78 -26.53
CA ASP A 56 -24.79 17.82 -26.29
C ASP A 56 -23.60 17.33 -25.48
N LEU A 57 -23.85 16.49 -24.47
CA LEU A 57 -22.80 15.83 -23.74
C LEU A 57 -22.04 14.86 -24.64
N LYS A 58 -22.81 14.12 -25.46
CA LYS A 58 -22.17 13.29 -26.49
C LYS A 58 -21.26 14.13 -27.36
N GLU A 59 -21.79 15.27 -27.84
CA GLU A 59 -20.94 16.13 -28.68
C GLU A 59 -19.70 16.58 -27.93
N LYS A 60 -19.88 16.96 -26.65
CA LYS A 60 -18.71 17.39 -25.89
C LYS A 60 -17.75 16.23 -25.62
N PHE A 61 -18.25 15.03 -25.39
CA PHE A 61 -17.36 13.87 -25.27
C PHE A 61 -16.60 13.60 -26.57
N LYS A 62 -17.20 13.87 -27.74
CA LYS A 62 -16.40 13.67 -28.98
C LYS A 62 -15.25 14.66 -29.04
N ARG A 63 -15.47 15.90 -28.64
CA ARG A 63 -14.39 16.92 -28.60
C ARG A 63 -13.30 16.52 -27.63
N ILE A 64 -13.63 16.04 -26.44
CA ILE A 64 -12.62 15.65 -25.44
C ILE A 64 -11.78 14.48 -25.97
N CYS A 65 -12.44 13.47 -26.55
CA CYS A 65 -11.69 12.31 -27.07
C CYS A 65 -10.75 12.75 -28.19
N GLU A 66 -11.24 13.69 -29.03
CA GLU A 66 -10.35 14.19 -30.09
C GLU A 66 -9.15 14.89 -29.46
N LYS A 67 -9.31 15.65 -28.38
CA LYS A 67 -8.20 16.35 -27.76
C LYS A 67 -7.17 15.46 -27.08
N THR A 68 -7.52 14.24 -26.66
CA THR A 68 -6.62 13.41 -25.87
C THR A 68 -5.30 13.01 -26.49
N ALA A 69 -5.19 12.92 -27.81
CA ALA A 69 -3.98 12.45 -28.48
C ALA A 69 -3.76 10.97 -28.08
N ILE A 70 -4.87 10.26 -27.98
CA ILE A 70 -4.85 8.81 -27.72
C ILE A 70 -5.41 8.15 -28.98
N LYS A 71 -4.71 7.14 -29.52
CA LYS A 71 -5.28 6.42 -30.67
C LYS A 71 -6.14 5.24 -30.26
N LYS A 72 -5.75 4.45 -29.26
CA LYS A 72 -6.51 3.30 -28.81
C LYS A 72 -6.11 2.99 -27.36
N ARG A 73 -6.95 2.20 -26.72
CA ARG A 73 -6.73 1.77 -25.34
C ARG A 73 -7.09 0.28 -25.25
N TYR A 74 -6.43 -0.50 -24.44
CA TYR A 74 -6.88 -1.87 -24.20
C TYR A 74 -7.71 -1.92 -22.93
N LEU A 75 -8.86 -2.55 -22.91
CA LEU A 75 -9.73 -2.49 -21.73
C LEU A 75 -10.19 -3.89 -21.35
N ALA A 76 -10.04 -4.26 -20.10
CA ALA A 76 -10.49 -5.54 -19.58
C ALA A 76 -11.99 -5.50 -19.39
N LEU A 77 -12.57 -4.29 -19.21
CA LEU A 77 -14.02 -4.13 -19.14
C LEU A 77 -14.66 -4.43 -20.52
N THR A 78 -15.61 -5.36 -20.56
CA THR A 78 -16.25 -5.67 -21.85
C THR A 78 -17.68 -5.18 -21.87
N GLU A 79 -18.25 -5.11 -23.08
CA GLU A 79 -19.66 -4.80 -23.26
C GLU A 79 -20.56 -5.82 -22.63
N ASP A 80 -20.18 -7.11 -22.69
CA ASP A 80 -20.98 -8.18 -22.13
C ASP A 80 -21.01 -8.00 -20.60
N TYR A 81 -19.85 -7.70 -20.04
CA TYR A 81 -19.79 -7.48 -18.58
C TYR A 81 -20.68 -6.33 -18.15
N LEU A 82 -20.75 -5.27 -18.92
CA LEU A 82 -21.58 -4.11 -18.64
C LEU A 82 -23.06 -4.40 -18.78
N GLN A 83 -23.37 -5.29 -19.74
CA GLN A 83 -24.79 -5.66 -19.90
C GLN A 83 -25.20 -6.56 -18.75
N GLU A 84 -24.27 -7.37 -18.25
CA GLU A 84 -24.56 -8.27 -17.12
C GLU A 84 -24.59 -7.51 -15.78
N ASN A 85 -23.88 -6.37 -15.74
CA ASN A 85 -23.80 -5.58 -14.48
C ASN A 85 -24.23 -4.17 -14.75
N PRO A 86 -25.49 -3.91 -15.07
CA PRO A 86 -25.93 -2.64 -15.63
C PRO A 86 -25.72 -1.42 -14.75
N THR A 87 -25.60 -1.63 -13.46
CA THR A 87 -25.41 -0.49 -12.51
C THR A 87 -24.05 0.15 -12.70
N MET A 88 -23.09 -0.50 -13.37
CA MET A 88 -21.85 0.15 -13.75
C MET A 88 -22.08 1.33 -14.68
N CYS A 89 -23.16 1.36 -15.44
CA CYS A 89 -23.44 2.43 -16.37
C CYS A 89 -24.36 3.52 -15.84
N GLU A 90 -24.91 3.35 -14.66
CA GLU A 90 -25.85 4.26 -14.02
C GLU A 90 -25.07 5.11 -13.01
N PHE A 91 -24.99 6.40 -13.29
CA PHE A 91 -24.12 7.28 -12.50
C PHE A 91 -24.47 7.17 -11.02
N MET A 92 -23.48 6.69 -10.28
CA MET A 92 -23.53 6.45 -8.85
C MET A 92 -24.48 5.38 -8.35
N ALA A 93 -25.03 4.51 -9.21
CA ALA A 93 -25.78 3.37 -8.70
C ALA A 93 -24.71 2.51 -8.01
N PRO A 94 -25.09 1.67 -7.08
CA PRO A 94 -24.21 0.75 -6.40
C PRO A 94 -23.60 -0.21 -7.42
N SER A 95 -22.28 -0.29 -7.48
CA SER A 95 -21.62 -1.11 -8.51
C SER A 95 -20.23 -1.54 -8.10
N LEU A 96 -19.82 -1.21 -6.86
CA LEU A 96 -18.49 -1.62 -6.39
C LEU A 96 -18.26 -3.14 -6.46
N ASN A 97 -19.23 -3.93 -6.04
CA ASN A 97 -19.08 -5.40 -6.00
C ASN A 97 -18.83 -5.94 -7.43
N ALA A 98 -19.55 -5.46 -8.43
CA ALA A 98 -19.30 -5.86 -9.83
C ALA A 98 -17.91 -5.47 -10.27
N ARG A 99 -17.52 -4.23 -9.92
CA ARG A 99 -16.18 -3.78 -10.22
C ARG A 99 -15.12 -4.66 -9.58
N GLN A 100 -15.21 -4.88 -8.29
CA GLN A 100 -14.22 -5.68 -7.56
C GLN A 100 -14.20 -7.12 -8.13
N ASP A 101 -15.39 -7.66 -8.44
CA ASP A 101 -15.41 -9.06 -8.96
C ASP A 101 -14.60 -9.11 -10.26
N LEU A 102 -14.51 -8.05 -11.05
CA LEU A 102 -13.65 -8.01 -12.23
C LEU A 102 -12.21 -7.84 -11.82
N VAL A 103 -11.89 -6.73 -11.10
CA VAL A 103 -10.48 -6.34 -10.94
C VAL A 103 -9.74 -7.13 -9.91
N VAL A 104 -10.37 -7.78 -8.94
CA VAL A 104 -9.70 -8.58 -7.93
C VAL A 104 -8.98 -9.82 -8.51
N THR A 105 -9.61 -10.36 -9.57
CA THR A 105 -8.85 -11.43 -10.27
C THR A 105 -8.04 -10.86 -11.42
N GLY A 106 -8.58 -9.87 -12.10
CA GLY A 106 -7.95 -9.33 -13.32
C GLY A 106 -6.62 -8.67 -13.14
N VAL A 107 -6.50 -7.88 -12.04
CA VAL A 107 -5.26 -7.10 -11.84
C VAL A 107 -4.09 -8.04 -11.69
N PRO A 108 -4.13 -9.00 -10.76
CA PRO A 108 -3.02 -9.91 -10.55
C PRO A 108 -2.73 -10.78 -11.80
N MET A 109 -3.76 -11.21 -12.50
CA MET A 109 -3.55 -12.04 -13.72
C MET A 109 -2.82 -11.25 -14.79
N LEU A 110 -3.27 -10.02 -15.06
CA LEU A 110 -2.64 -9.11 -15.99
C LEU A 110 -1.22 -8.77 -15.58
N GLY A 111 -0.97 -8.60 -14.27
CA GLY A 111 0.39 -8.37 -13.77
C GLY A 111 1.26 -9.62 -13.96
N LYS A 112 0.67 -10.81 -13.81
CA LYS A 112 1.43 -12.04 -14.04
C LYS A 112 1.85 -12.08 -15.52
N GLU A 113 1.01 -11.65 -16.44
CA GLU A 113 1.43 -11.74 -17.86
C GLU A 113 2.63 -10.83 -18.14
N ALA A 114 2.65 -9.68 -17.51
CA ALA A 114 3.76 -8.75 -17.69
C ALA A 114 5.02 -9.33 -17.02
N ALA A 115 4.82 -9.89 -15.84
CA ALA A 115 5.94 -10.44 -15.03
C ALA A 115 6.64 -11.62 -15.73
N VAL A 116 5.87 -12.46 -16.38
CA VAL A 116 6.46 -13.62 -17.08
C VAL A 116 7.42 -13.13 -18.16
N LYS A 117 6.99 -12.08 -18.85
CA LYS A 117 7.78 -11.47 -19.93
C LYS A 117 9.08 -10.85 -19.38
N ALA A 118 8.98 -10.15 -18.26
CA ALA A 118 10.17 -9.51 -17.66
C ALA A 118 11.18 -10.58 -17.22
N ILE A 119 10.67 -11.62 -16.60
CA ILE A 119 11.51 -12.71 -16.09
C ILE A 119 12.11 -13.52 -17.24
N ASP A 120 11.42 -13.59 -18.33
N ASP A 120 11.40 -13.63 -18.33
CA ASP A 120 11.91 -14.32 -19.50
CA ASP A 120 11.90 -14.34 -19.51
C ASP A 120 13.07 -13.54 -20.13
C ASP A 120 13.08 -13.56 -20.10
N GLU A 121 12.91 -12.23 -20.26
CA GLU A 121 14.01 -11.37 -20.68
C GLU A 121 15.20 -11.51 -19.76
N TRP A 122 14.94 -11.42 -18.46
CA TRP A 122 15.98 -11.50 -17.47
C TRP A 122 16.74 -12.83 -17.65
N GLY A 123 16.02 -13.94 -17.57
CA GLY A 123 16.57 -15.26 -17.87
C GLY A 123 17.08 -16.02 -16.68
N LEU A 124 17.19 -15.40 -15.49
CA LEU A 124 17.65 -16.08 -14.31
C LEU A 124 16.46 -16.77 -13.65
N PRO A 125 16.69 -17.72 -12.77
CA PRO A 125 15.64 -18.42 -12.08
C PRO A 125 14.76 -17.49 -11.24
N LYS A 126 13.45 -17.70 -11.31
CA LYS A 126 12.45 -16.93 -10.56
C LYS A 126 12.60 -17.14 -9.07
N SER A 127 13.26 -18.25 -8.64
CA SER A 127 13.56 -18.50 -7.25
C SER A 127 14.55 -17.49 -6.68
N LYS A 128 15.25 -16.76 -7.55
CA LYS A 128 16.18 -15.74 -7.09
C LYS A 128 15.46 -14.39 -6.85
N ILE A 129 14.21 -14.22 -7.13
CA ILE A 129 13.46 -12.97 -6.83
C ILE A 129 13.27 -12.95 -5.32
N THR A 130 13.82 -11.94 -4.62
CA THR A 130 13.75 -11.91 -3.16
C THR A 130 12.69 -10.95 -2.61
N HIS A 131 12.24 -9.98 -3.40
CA HIS A 131 11.30 -8.97 -3.00
C HIS A 131 10.36 -8.75 -4.16
N LEU A 132 9.09 -8.51 -3.87
CA LEU A 132 8.06 -8.25 -4.81
C LEU A 132 7.27 -6.96 -4.41
N ILE A 133 7.24 -6.03 -5.33
CA ILE A 133 6.47 -4.79 -5.09
C ILE A 133 5.27 -4.88 -6.06
N PHE A 134 4.07 -4.99 -5.51
CA PHE A 134 2.90 -5.00 -6.39
C PHE A 134 2.13 -3.68 -6.18
N CYS A 135 1.83 -3.03 -7.27
CA CYS A 135 1.18 -1.70 -7.18
C CYS A 135 0.01 -1.61 -8.08
N THR A 136 -1.13 -1.14 -7.57
CA THR A 136 -2.30 -0.89 -8.39
C THR A 136 -3.13 0.25 -7.78
N THR A 137 -4.11 0.67 -8.58
CA THR A 137 -5.05 1.71 -8.18
C THR A 137 -6.48 1.20 -8.38
N ALA A 138 -6.58 -0.08 -8.71
CA ALA A 138 -7.88 -0.69 -9.00
C ALA A 138 -8.19 -1.91 -8.11
N GLY A 139 -9.10 -1.67 -7.17
CA GLY A 139 -9.61 -2.69 -6.22
C GLY A 139 -8.61 -3.00 -5.11
N VAL A 140 -9.12 -3.71 -4.11
CA VAL A 140 -8.34 -4.21 -2.97
C VAL A 140 -8.99 -5.52 -2.53
N ASP A 141 -8.22 -6.32 -1.86
CA ASP A 141 -8.71 -7.61 -1.36
C ASP A 141 -7.71 -8.10 -0.34
N MET A 142 -8.09 -9.08 0.46
CA MET A 142 -7.23 -9.71 1.43
C MET A 142 -7.38 -11.22 1.34
N PRO A 143 -6.34 -11.94 1.12
CA PRO A 143 -4.98 -11.61 0.77
C PRO A 143 -4.97 -10.73 -0.46
N GLY A 144 -3.91 -9.91 -0.57
CA GLY A 144 -3.93 -8.94 -1.66
C GLY A 144 -3.43 -9.46 -3.00
N ALA A 145 -3.40 -8.56 -4.00
CA ALA A 145 -2.92 -8.94 -5.31
C ALA A 145 -1.46 -9.45 -5.28
N ASP A 146 -0.68 -9.05 -4.28
CA ASP A 146 0.73 -9.50 -4.18
C ASP A 146 0.78 -11.00 -3.92
N TYR A 147 -0.11 -11.45 -3.04
CA TYR A 147 -0.19 -12.86 -2.68
C TYR A 147 -0.65 -13.68 -3.91
N GLN A 148 -1.66 -13.17 -4.61
CA GLN A 148 -2.18 -13.84 -5.81
C GLN A 148 -1.08 -14.01 -6.85
N LEU A 149 -0.26 -12.98 -6.97
CA LEU A 149 0.84 -12.95 -7.94
C LEU A 149 1.91 -14.01 -7.61
N VAL A 150 2.20 -14.17 -6.33
CA VAL A 150 3.19 -15.16 -5.88
C VAL A 150 2.72 -16.58 -6.28
N LYS A 151 1.44 -16.82 -6.05
CA LYS A 151 0.78 -18.11 -6.34
C LYS A 151 0.79 -18.38 -7.85
N LEU A 152 0.35 -17.42 -8.65
CA LEU A 152 0.29 -17.43 -10.07
C LEU A 152 1.67 -17.64 -10.69
N LEU A 153 2.71 -16.98 -10.19
CA LEU A 153 4.00 -17.07 -10.82
C LEU A 153 4.83 -18.21 -10.26
N GLY A 154 4.51 -18.70 -9.08
CA GLY A 154 5.35 -19.66 -8.37
C GLY A 154 6.61 -19.01 -7.80
N LEU A 155 6.48 -17.78 -7.24
CA LEU A 155 7.64 -17.23 -6.51
C LEU A 155 7.81 -17.92 -5.18
N SER A 156 8.94 -17.75 -4.52
CA SER A 156 9.20 -18.30 -3.22
C SER A 156 8.14 -17.86 -2.25
N PRO A 157 7.64 -18.75 -1.41
CA PRO A 157 6.66 -18.43 -0.40
C PRO A 157 7.24 -17.39 0.55
N SER A 158 8.57 -17.31 0.65
CA SER A 158 9.25 -16.40 1.51
C SER A 158 9.66 -15.10 0.83
N VAL A 159 9.15 -14.83 -0.35
CA VAL A 159 9.49 -13.59 -1.05
C VAL A 159 8.93 -12.43 -0.17
N LYS A 160 9.71 -11.35 -0.08
CA LYS A 160 9.28 -10.22 0.78
C LYS A 160 8.41 -9.31 -0.03
N ARG A 161 7.17 -9.08 0.40
CA ARG A 161 6.22 -8.34 -0.36
C ARG A 161 5.83 -6.94 0.13
N TYR A 162 5.48 -6.10 -0.83
CA TYR A 162 5.15 -4.67 -0.56
C TYR A 162 3.90 -4.38 -1.37
N MET A 163 2.75 -4.46 -0.69
CA MET A 163 1.48 -4.35 -1.42
C MET A 163 0.99 -2.91 -1.39
N LEU A 164 1.12 -2.27 -2.53
CA LEU A 164 0.74 -0.88 -2.75
C LEU A 164 -0.61 -0.77 -3.49
N TYR A 165 -1.61 -0.46 -2.70
CA TYR A 165 -3.01 -0.30 -3.15
C TYR A 165 -3.40 1.20 -3.18
N GLN A 166 -4.35 1.49 -4.07
CA GLN A 166 -4.94 2.83 -4.28
C GLN A 166 -3.87 3.90 -4.44
N GLN A 167 -2.86 3.55 -5.23
CA GLN A 167 -1.65 4.39 -5.39
C GLN A 167 -1.81 5.57 -6.36
N GLY A 168 -2.36 5.36 -7.54
CA GLY A 168 -2.61 6.49 -8.46
C GLY A 168 -1.43 6.78 -9.39
N ALA A 170 1.11 8.74 -9.76
CA ALA A 170 2.51 9.10 -9.47
C ALA A 170 3.30 7.87 -9.02
N ALA A 171 2.57 6.71 -8.96
CA ALA A 171 3.14 5.59 -8.31
C ALA A 171 4.07 4.72 -9.17
N GLY A 172 4.21 5.08 -10.45
CA GLY A 172 5.29 4.41 -11.23
C GLY A 172 6.62 4.99 -10.74
N GLY A 173 6.61 6.27 -10.27
CA GLY A 173 7.82 6.83 -9.61
C GLY A 173 8.00 6.19 -8.22
N THR A 174 6.88 6.00 -7.51
CA THR A 174 6.94 5.34 -6.18
C THR A 174 7.67 4.01 -6.20
N VAL A 175 7.22 3.06 -7.06
CA VAL A 175 7.79 1.71 -7.07
C VAL A 175 9.29 1.77 -7.31
N LEU A 176 9.75 2.69 -8.18
CA LEU A 176 11.19 2.78 -8.44
C LEU A 176 11.88 3.27 -7.19
N ARG A 177 11.25 4.26 -6.52
CA ARG A 177 11.85 4.81 -5.26
C ARG A 177 12.00 3.77 -4.21
N LEU A 178 10.91 2.95 -4.06
CA LEU A 178 11.01 1.83 -3.11
C LEU A 178 11.97 0.72 -3.55
N ALA A 179 11.92 0.29 -4.84
CA ALA A 179 12.85 -0.80 -5.24
C ALA A 179 14.30 -0.44 -5.10
N LYS A 180 14.59 0.89 -5.32
CA LYS A 180 16.00 1.31 -5.17
C LYS A 180 16.56 1.06 -3.80
N ASP A 181 15.80 1.39 -2.72
CA ASP A 181 16.27 1.16 -1.37
C ASP A 181 16.33 -0.34 -1.04
N LEU A 182 15.30 -1.10 -1.44
CA LEU A 182 15.36 -2.56 -1.18
C LEU A 182 16.51 -3.23 -1.91
N ALA A 183 16.72 -2.86 -3.18
CA ALA A 183 17.88 -3.54 -3.86
C ALA A 183 19.20 -3.17 -3.25
N GLU A 184 19.40 -1.85 -2.96
CA GLU A 184 20.68 -1.35 -2.48
C GLU A 184 20.98 -1.72 -1.04
N ASN A 185 19.98 -1.97 -0.21
CA ASN A 185 20.24 -2.38 1.16
C ASN A 185 20.32 -3.89 1.36
N ASN A 186 19.95 -4.71 0.38
CA ASN A 186 19.96 -6.17 0.52
C ASN A 186 20.86 -6.87 -0.51
N LYS A 187 22.08 -7.17 -0.10
CA LYS A 187 23.08 -7.74 -0.98
C LYS A 187 22.57 -9.02 -1.67
N GLY A 188 22.64 -9.02 -2.99
CA GLY A 188 22.18 -10.16 -3.82
C GLY A 188 20.70 -10.10 -4.11
N SER A 189 19.98 -9.05 -3.57
CA SER A 189 18.53 -9.10 -3.75
C SER A 189 18.15 -8.77 -5.16
N ARG A 190 17.00 -9.35 -5.58
CA ARG A 190 16.46 -9.02 -6.89
C ARG A 190 14.99 -8.76 -6.67
N VAL A 191 14.58 -7.56 -7.11
CA VAL A 191 13.24 -7.08 -6.82
C VAL A 191 12.42 -7.16 -8.09
N LEU A 192 11.26 -7.74 -7.98
CA LEU A 192 10.30 -7.76 -9.04
C LEU A 192 9.26 -6.66 -8.68
N ILE A 193 9.05 -5.74 -9.59
CA ILE A 193 8.12 -4.69 -9.47
C ILE A 193 6.98 -5.04 -10.41
N VAL A 194 5.74 -5.04 -9.96
CA VAL A 194 4.64 -5.11 -10.88
C VAL A 194 3.59 -4.02 -10.65
N CYS A 195 3.34 -3.19 -11.65
CA CYS A 195 2.24 -2.26 -11.66
C CYS A 195 1.19 -2.77 -12.64
N SER A 196 -0.03 -2.92 -12.16
CA SER A 196 -1.11 -3.42 -13.00
C SER A 196 -2.40 -2.68 -12.74
N GLU A 197 -2.92 -2.06 -13.78
CA GLU A 197 -4.07 -1.21 -13.71
C GLU A 197 -5.17 -1.63 -14.69
N ILE A 198 -6.35 -1.76 -14.12
CA ILE A 198 -7.56 -2.01 -14.89
C ILE A 198 -8.54 -0.90 -14.53
N THR A 199 -8.94 -0.12 -15.49
CA THR A 199 -9.79 1.04 -15.30
C THR A 199 -11.27 0.81 -15.16
N ALA A 200 -11.74 -0.43 -15.08
CA ALA A 200 -13.10 -0.78 -14.78
C ALA A 200 -13.54 -0.19 -13.41
N ILE A 201 -12.63 -0.04 -12.51
N ILE A 201 -12.72 -0.03 -12.44
CA ILE A 201 -12.96 0.47 -11.18
CA ILE A 201 -13.23 0.51 -11.18
C ILE A 201 -13.44 1.94 -11.27
C ILE A 201 -13.60 1.99 -11.30
N LEU A 202 -13.05 2.69 -12.30
CA LEU A 202 -13.43 4.08 -12.49
C LEU A 202 -14.30 4.38 -13.69
N PHE A 203 -14.81 3.36 -14.35
CA PHE A 203 -15.77 3.60 -15.44
C PHE A 203 -17.09 4.15 -14.91
N HIS A 204 -17.68 5.13 -15.56
CA HIS A 204 -18.94 5.72 -15.12
C HIS A 204 -19.73 6.21 -16.34
N GLY A 205 -21.05 6.11 -16.29
CA GLY A 205 -21.91 6.69 -17.33
C GLY A 205 -21.89 8.23 -17.24
N PRO A 206 -22.38 8.91 -18.25
CA PRO A 206 -22.24 10.35 -18.36
C PRO A 206 -23.22 11.06 -17.48
N ASN A 207 -22.81 12.20 -16.94
CA ASN A 207 -23.71 13.01 -16.10
C ASN A 207 -23.27 14.49 -16.15
N GLU A 208 -24.26 15.30 -16.49
CA GLU A 208 -24.15 16.76 -16.68
C GLU A 208 -23.42 17.50 -15.57
N ASN A 209 -23.68 17.09 -14.34
CA ASN A 209 -23.14 17.77 -13.17
C ASN A 209 -21.75 17.26 -12.79
N HIS A 210 -21.21 16.34 -13.56
CA HIS A 210 -19.86 15.81 -13.28
C HIS A 210 -19.08 15.70 -14.59
N LEU A 211 -18.68 16.85 -15.08
CA LEU A 211 -17.97 16.94 -16.37
C LEU A 211 -16.55 16.43 -16.28
N ASP A 212 -15.94 16.49 -15.10
CA ASP A 212 -14.57 15.97 -14.94
C ASP A 212 -14.60 14.43 -14.98
N SER A 213 -15.67 13.89 -14.40
CA SER A 213 -15.91 12.45 -14.49
C SER A 213 -16.15 12.02 -15.93
N LEU A 214 -16.75 12.87 -16.76
CA LEU A 214 -16.91 12.60 -18.18
C LEU A 214 -15.57 12.66 -18.91
N VAL A 215 -14.72 13.65 -18.60
CA VAL A 215 -13.41 13.77 -19.18
C VAL A 215 -12.61 12.51 -18.87
N ALA A 216 -12.71 12.05 -17.62
CA ALA A 216 -12.02 10.86 -17.19
C ALA A 216 -12.39 9.59 -17.96
N GLN A 217 -13.54 9.50 -18.60
CA GLN A 217 -13.89 8.31 -19.41
C GLN A 217 -13.07 8.23 -20.68
N ALA A 218 -12.39 9.31 -21.06
CA ALA A 218 -11.56 9.37 -22.24
C ALA A 218 -10.09 9.23 -21.96
N LEU A 219 -9.62 9.23 -20.70
CA LEU A 219 -8.16 9.36 -20.53
C LEU A 219 -7.40 8.05 -20.38
N PHE A 220 -8.01 7.05 -19.71
CA PHE A 220 -7.28 5.97 -19.10
C PHE A 220 -7.41 4.65 -19.87
N GLY A 221 -6.35 3.87 -19.83
CA GLY A 221 -6.40 2.56 -20.54
C GLY A 221 -5.82 1.57 -19.51
N ASP A 222 -5.88 0.30 -19.94
CA ASP A 222 -5.42 -0.81 -19.08
C ASP A 222 -4.11 -1.38 -19.46
N GLY A 223 -3.32 -1.78 -18.45
CA GLY A 223 -2.03 -2.36 -18.69
C GLY A 223 -1.25 -2.70 -17.42
N ALA A 224 -0.21 -3.51 -17.63
CA ALA A 224 0.71 -3.90 -16.54
C ALA A 224 2.14 -3.91 -17.07
N ALA A 225 3.02 -3.44 -16.22
CA ALA A 225 4.46 -3.42 -16.46
C ALA A 225 5.15 -4.11 -15.30
N ALA A 226 6.19 -4.82 -15.63
CA ALA A 226 6.99 -5.55 -14.64
C ALA A 226 8.47 -5.29 -14.90
N LEU A 227 9.19 -5.12 -13.82
CA LEU A 227 10.62 -4.84 -13.87
C LEU A 227 11.38 -5.71 -12.89
N ILE A 228 12.59 -6.01 -13.27
CA ILE A 228 13.53 -6.68 -12.38
C ILE A 228 14.58 -5.63 -12.06
N VAL A 229 14.76 -5.39 -10.79
CA VAL A 229 15.72 -4.40 -10.29
C VAL A 229 16.67 -5.03 -9.30
N GLY A 230 17.93 -4.68 -9.45
CA GLY A 230 18.96 -5.20 -8.55
C GLY A 230 20.22 -4.33 -8.61
N SER A 231 21.03 -4.41 -7.56
CA SER A 231 22.31 -3.75 -7.49
C SER A 231 23.41 -4.80 -7.77
N GLY A 232 24.59 -4.42 -8.21
CA GLY A 232 25.65 -5.44 -8.45
C GLY A 232 25.23 -6.45 -9.52
N PRO A 233 24.92 -6.02 -10.72
CA PRO A 233 24.53 -6.86 -11.83
C PRO A 233 25.67 -7.83 -12.19
N HIS A 234 25.29 -9.10 -12.37
CA HIS A 234 26.29 -10.11 -12.84
C HIS A 234 26.31 -9.94 -14.35
N LEU A 235 27.30 -9.21 -14.81
CA LEU A 235 27.36 -8.78 -16.21
C LEU A 235 27.51 -9.89 -17.27
N ALA A 236 28.01 -11.04 -16.87
CA ALA A 236 28.09 -12.15 -17.83
C ALA A 236 26.69 -12.48 -18.29
N VAL A 237 25.68 -12.42 -17.41
CA VAL A 237 24.33 -12.89 -17.74
C VAL A 237 23.23 -11.88 -17.54
N GLU A 238 23.46 -10.77 -16.81
CA GLU A 238 22.36 -9.78 -16.64
C GLU A 238 22.69 -8.54 -17.43
N ARG A 239 21.70 -7.85 -17.97
CA ARG A 239 21.87 -6.72 -18.86
C ARG A 239 21.24 -5.45 -18.25
N PRO A 240 22.05 -4.57 -17.69
CA PRO A 240 21.62 -3.25 -17.22
C PRO A 240 20.97 -2.47 -18.31
N ILE A 241 19.87 -1.79 -17.98
CA ILE A 241 19.14 -0.96 -18.92
C ILE A 241 19.27 0.52 -18.52
N PHE A 242 19.03 0.80 -17.24
CA PHE A 242 19.13 2.10 -16.60
C PHE A 242 19.50 1.93 -15.12
N GLU A 243 20.30 2.84 -14.57
CA GLU A 243 20.56 2.79 -13.14
C GLU A 243 19.60 3.84 -12.49
N ILE A 244 19.15 3.57 -11.28
CA ILE A 244 18.25 4.50 -10.56
C ILE A 244 19.12 5.39 -9.68
N VAL A 245 19.39 6.62 -10.17
CA VAL A 245 20.31 7.53 -9.50
C VAL A 245 19.75 8.20 -8.24
N SER A 246 18.60 8.87 -8.37
CA SER A 246 18.03 9.52 -7.18
C SER A 246 16.55 9.57 -7.35
N THR A 247 15.82 9.71 -6.22
CA THR A 247 14.37 9.81 -6.22
C THR A 247 13.96 10.91 -5.22
N ASP A 248 12.90 11.58 -5.61
N ASP A 248 12.89 11.57 -5.60
CA ASP A 248 12.32 12.64 -4.78
CA ASP A 248 12.30 12.62 -4.77
C ASP A 248 10.80 12.59 -4.92
C ASP A 248 10.79 12.57 -4.91
N GLN A 249 10.15 12.88 -3.75
CA GLN A 249 8.69 12.96 -3.79
C GLN A 249 8.32 14.30 -3.14
N THR A 250 7.46 15.08 -3.67
N THR A 250 7.48 15.09 -3.71
CA THR A 250 7.07 16.33 -3.01
CA THR A 250 7.07 16.36 -3.10
C THR A 250 5.66 16.76 -3.41
C THR A 250 5.59 16.61 -3.34
N ILE A 251 5.00 17.30 -2.37
CA ILE A 251 3.64 17.77 -2.48
C ILE A 251 3.62 19.18 -3.07
N LEU A 252 2.83 19.45 -4.08
CA LEU A 252 2.82 20.79 -4.68
C LEU A 252 1.91 21.67 -3.82
N PRO A 253 2.34 22.87 -3.46
CA PRO A 253 1.57 23.75 -2.59
C PRO A 253 0.26 24.18 -3.20
N ASP A 254 -0.78 24.22 -2.39
CA ASP A 254 -2.09 24.69 -2.74
C ASP A 254 -2.73 23.97 -3.92
N THR A 255 -2.54 22.65 -4.03
CA THR A 255 -3.15 21.93 -5.18
C THR A 255 -3.99 20.74 -4.71
N GLU A 256 -4.32 20.71 -3.43
CA GLU A 256 -5.03 19.61 -2.82
C GLU A 256 -6.37 19.31 -3.51
N LYS A 257 -7.08 20.33 -3.92
CA LYS A 257 -8.40 20.12 -4.53
C LYS A 257 -8.29 19.79 -6.04
N ALA A 258 -7.07 19.73 -6.55
CA ALA A 258 -6.83 19.41 -7.98
C ALA A 258 -7.33 18.00 -8.36
N MET A 259 -7.06 17.04 -7.47
CA MET A 259 -7.41 15.62 -7.69
C MET A 259 -7.84 14.91 -6.41
N LYS A 260 -9.07 14.51 -6.37
CA LYS A 260 -9.56 13.73 -5.22
C LYS A 260 -10.37 12.55 -5.77
N LEU A 261 -10.07 11.35 -5.32
CA LEU A 261 -10.79 10.15 -5.80
C LEU A 261 -11.19 9.33 -4.60
N HIS A 262 -12.47 9.03 -4.46
CA HIS A 262 -12.99 8.28 -3.33
C HIS A 262 -13.54 6.92 -3.78
N LEU A 263 -13.27 5.91 -2.98
CA LEU A 263 -13.77 4.57 -3.31
C LEU A 263 -15.08 4.37 -2.58
N ARG A 264 -16.19 4.47 -3.31
CA ARG A 264 -17.49 4.39 -2.74
C ARG A 264 -18.35 3.24 -3.27
N GLU A 265 -19.57 3.14 -2.75
CA GLU A 265 -20.48 2.11 -3.27
C GLU A 265 -20.66 2.16 -4.76
N GLY A 266 -20.52 3.31 -5.39
CA GLY A 266 -20.64 3.45 -6.82
C GLY A 266 -19.33 3.31 -7.58
N GLY A 267 -18.23 2.87 -6.97
CA GLY A 267 -16.97 2.75 -7.71
C GLY A 267 -16.04 3.92 -7.30
N LEU A 268 -14.95 4.12 -8.05
CA LEU A 268 -13.93 5.12 -7.73
C LEU A 268 -14.36 6.47 -8.33
N THR A 269 -14.70 7.41 -7.47
CA THR A 269 -15.19 8.70 -7.94
C THR A 269 -14.08 9.60 -8.46
N PHE A 270 -14.43 10.68 -9.10
CA PHE A 270 -13.52 11.65 -9.66
C PHE A 270 -13.87 13.11 -9.30
N GLN A 271 -12.85 13.82 -8.88
CA GLN A 271 -12.85 15.26 -8.76
C GLN A 271 -11.49 15.68 -9.36
N LEU A 272 -11.51 16.19 -10.57
CA LEU A 272 -10.30 16.56 -11.28
C LEU A 272 -10.43 17.99 -11.82
N HIS A 273 -9.62 18.89 -11.30
CA HIS A 273 -9.74 20.30 -11.60
C HIS A 273 -9.16 20.56 -12.99
N ARG A 274 -9.80 21.49 -13.67
CA ARG A 274 -9.45 21.86 -15.03
C ARG A 274 -8.03 22.47 -15.16
N ASP A 275 -7.51 23.04 -14.09
CA ASP A 275 -6.18 23.69 -14.16
C ASP A 275 -5.04 22.76 -13.75
N VAL A 276 -5.33 21.48 -13.67
CA VAL A 276 -4.29 20.53 -13.29
C VAL A 276 -3.05 20.75 -14.18
N PRO A 277 -3.13 20.82 -15.53
CA PRO A 277 -1.94 21.01 -16.34
C PRO A 277 -1.14 22.26 -15.96
N LEU A 278 -1.77 23.37 -15.60
CA LEU A 278 -1.01 24.58 -15.23
C LEU A 278 -0.41 24.43 -13.85
N MET A 279 -1.07 23.67 -12.97
CA MET A 279 -0.46 23.46 -11.65
C MET A 279 0.83 22.69 -11.81
N VAL A 280 0.82 21.69 -12.74
CA VAL A 280 2.10 20.99 -12.96
C VAL A 280 3.12 21.98 -13.50
N ALA A 281 2.74 22.79 -14.48
CA ALA A 281 3.63 23.76 -15.15
C ALA A 281 4.24 24.77 -14.18
N LYS A 282 3.45 25.26 -13.24
CA LYS A 282 3.93 26.19 -12.25
C LYS A 282 5.08 25.55 -11.47
N ASN A 283 5.09 24.23 -11.24
CA ASN A 283 6.05 23.62 -10.36
C ASN A 283 7.12 22.75 -10.99
N ILE A 284 7.04 22.46 -12.27
CA ILE A 284 7.92 21.46 -12.89
C ILE A 284 9.36 21.89 -13.01
N GLU A 285 9.60 23.18 -13.29
CA GLU A 285 11.02 23.62 -13.43
C GLU A 285 11.80 23.40 -12.17
N ASN A 286 11.12 23.61 -11.03
CA ASN A 286 11.69 23.40 -9.70
C ASN A 286 12.03 21.92 -9.44
N ALA A 287 11.14 21.06 -9.94
CA ALA A 287 11.35 19.61 -9.76
C ALA A 287 12.58 19.22 -10.60
N ALA A 288 12.64 19.68 -11.83
CA ALA A 288 13.81 19.42 -12.66
C ALA A 288 15.12 19.89 -12.04
N GLU A 289 15.10 21.12 -11.49
CA GLU A 289 16.31 21.70 -10.92
C GLU A 289 16.82 21.00 -9.68
N LYS A 290 15.92 20.58 -8.82
CA LYS A 290 16.28 19.88 -7.59
C LYS A 290 16.90 18.51 -7.90
N ALA A 291 16.47 17.90 -9.00
CA ALA A 291 17.02 16.62 -9.41
C ALA A 291 18.32 16.76 -10.20
N LEU A 292 18.33 17.75 -11.08
CA LEU A 292 19.53 17.86 -11.93
C LEU A 292 20.63 18.83 -11.52
N SER A 293 20.34 19.76 -10.61
CA SER A 293 21.40 20.69 -10.15
C SER A 293 22.54 19.99 -9.46
N PRO A 294 22.30 19.08 -8.52
CA PRO A 294 23.37 18.33 -7.88
C PRO A 294 24.23 17.52 -8.85
N LEU A 295 23.76 17.25 -10.08
CA LEU A 295 24.50 16.54 -11.09
C LEU A 295 25.25 17.49 -12.02
N GLY A 296 25.19 18.79 -11.75
CA GLY A 296 25.82 19.84 -12.53
C GLY A 296 25.15 20.05 -13.86
N ILE A 297 23.86 19.72 -13.96
CA ILE A 297 23.18 19.84 -15.26
C ILE A 297 22.12 20.94 -15.19
N THR A 298 22.15 21.76 -16.22
CA THR A 298 21.29 22.91 -16.35
C THR A 298 20.58 22.93 -17.68
N ASP A 299 21.10 22.23 -18.67
CA ASP A 299 20.49 22.20 -20.00
C ASP A 299 19.45 21.08 -20.08
N TRP A 300 18.17 21.42 -20.12
CA TRP A 300 17.07 20.44 -20.14
C TRP A 300 17.08 19.61 -21.43
N ASN A 301 17.53 20.18 -22.56
CA ASN A 301 17.59 19.36 -23.76
C ASN A 301 18.77 18.39 -23.74
N SER A 302 19.68 18.48 -22.77
CA SER A 302 20.74 17.47 -22.71
C SER A 302 20.33 16.22 -21.93
N VAL A 303 19.06 16.05 -21.54
CA VAL A 303 18.68 14.87 -20.79
C VAL A 303 17.47 14.24 -21.46
N PHE A 304 17.24 12.95 -21.23
CA PHE A 304 16.04 12.34 -21.81
C PHE A 304 14.93 12.38 -20.77
N TRP A 305 13.66 12.38 -21.19
CA TRP A 305 12.55 12.70 -20.31
C TRP A 305 11.45 11.68 -20.48
N MET A 306 10.93 11.23 -19.37
CA MET A 306 9.82 10.27 -19.35
C MET A 306 8.72 10.92 -18.51
N VAL A 307 7.67 11.41 -19.14
CA VAL A 307 6.72 12.26 -18.41
C VAL A 307 5.38 11.58 -18.33
N HIS A 308 4.90 11.35 -17.11
CA HIS A 308 3.59 10.66 -17.03
C HIS A 308 2.56 11.47 -17.80
N PRO A 309 1.94 10.84 -18.79
CA PRO A 309 1.02 11.55 -19.66
C PRO A 309 -0.35 11.54 -19.03
N GLY A 310 -0.54 12.40 -17.99
CA GLY A 310 -1.80 12.41 -17.23
C GLY A 310 -2.91 12.84 -18.18
N GLY A 311 -2.56 13.64 -19.16
CA GLY A 311 -3.42 14.01 -20.28
C GLY A 311 -2.45 14.68 -21.29
N ARG A 312 -2.92 14.85 -22.53
CA ARG A 312 -2.04 15.55 -23.48
C ARG A 312 -1.62 16.94 -22.99
N ALA A 313 -2.49 17.69 -22.27
CA ALA A 313 -2.14 19.04 -21.86
C ALA A 313 -0.99 19.04 -20.86
N ILE A 314 -0.84 18.03 -20.00
CA ILE A 314 0.27 17.95 -19.07
C ILE A 314 1.58 17.84 -19.84
N LEU A 315 1.55 17.01 -20.91
CA LEU A 315 2.81 16.88 -21.66
C LEU A 315 3.12 18.26 -22.26
N ASP A 316 2.16 18.85 -22.96
CA ASP A 316 2.38 20.18 -23.57
C ASP A 316 2.90 21.21 -22.59
N GLN A 317 2.36 21.29 -21.37
CA GLN A 317 2.84 22.27 -20.40
C GLN A 317 4.25 22.00 -19.95
N VAL A 318 4.56 20.72 -19.73
CA VAL A 318 5.89 20.35 -19.26
C VAL A 318 6.88 20.71 -20.37
N GLU A 319 6.52 20.33 -21.60
CA GLU A 319 7.39 20.66 -22.74
C GLU A 319 7.64 22.18 -22.88
N ARG A 320 6.59 22.98 -22.78
CA ARG A 320 6.66 24.43 -22.93
C ARG A 320 7.44 25.07 -21.79
N LYS A 321 7.09 24.74 -20.56
CA LYS A 321 7.75 25.30 -19.39
C LYS A 321 9.22 24.94 -19.34
N LEU A 322 9.63 23.73 -19.74
CA LEU A 322 11.05 23.39 -19.73
C LEU A 322 11.75 23.77 -21.04
N ASN A 323 11.01 24.26 -22.01
CA ASN A 323 11.44 24.67 -23.33
C ASN A 323 12.11 23.51 -24.06
N LEU A 324 11.55 22.30 -23.94
CA LEU A 324 12.11 21.13 -24.58
C LEU A 324 12.02 21.25 -26.08
N LYS A 325 13.00 20.73 -26.83
CA LYS A 325 12.80 20.73 -28.29
C LYS A 325 11.67 19.77 -28.67
N GLU A 326 11.20 19.91 -29.88
CA GLU A 326 10.08 19.24 -30.47
C GLU A 326 9.91 17.74 -30.23
N ASP A 327 10.97 16.97 -30.22
CA ASP A 327 10.74 15.53 -30.04
C ASP A 327 11.17 15.06 -28.68
N LYS A 328 11.48 15.92 -27.70
CA LYS A 328 11.94 15.40 -26.43
C LYS A 328 10.89 14.46 -25.80
N LEU A 329 9.62 14.76 -25.92
CA LEU A 329 8.58 13.92 -25.27
C LEU A 329 8.01 12.84 -26.16
N ARG A 330 8.71 12.47 -27.22
CA ARG A 330 8.17 11.53 -28.21
C ARG A 330 7.70 10.19 -27.63
N ALA A 331 8.56 9.59 -26.85
CA ALA A 331 8.29 8.32 -26.17
C ALA A 331 7.07 8.43 -25.26
N SER A 332 6.94 9.57 -24.54
CA SER A 332 5.81 9.72 -23.63
C SER A 332 4.53 9.87 -24.44
N ARG A 333 4.61 10.66 -25.52
CA ARG A 333 3.44 10.85 -26.37
C ARG A 333 3.08 9.57 -27.10
N HIS A 334 4.10 8.79 -27.36
CA HIS A 334 3.94 7.52 -28.06
C HIS A 334 3.15 6.52 -27.21
N VAL A 335 3.45 6.35 -25.92
CA VAL A 335 2.64 5.35 -25.18
C VAL A 335 1.25 5.90 -24.86
N LEU A 336 1.13 7.21 -24.74
CA LEU A 336 -0.20 7.84 -24.50
C LEU A 336 -1.12 7.53 -25.69
N SER A 337 -0.51 7.60 -26.85
CA SER A 337 -1.19 7.39 -28.12
C SER A 337 -1.64 5.93 -28.29
N GLU A 338 -0.71 5.03 -28.03
CA GLU A 338 -0.95 3.60 -28.26
C GLU A 338 -1.67 2.89 -27.10
N TYR A 339 -1.66 3.47 -25.90
CA TYR A 339 -2.25 2.79 -24.73
C TYR A 339 -3.17 3.65 -23.86
N GLY A 340 -3.05 4.96 -23.99
CA GLY A 340 -3.80 5.89 -23.13
C GLY A 340 -3.02 6.02 -21.83
N ASN A 341 -3.58 6.72 -20.87
CA ASN A 341 -2.92 6.91 -19.56
C ASN A 341 -3.09 5.64 -18.73
N LEU A 342 -2.04 4.91 -18.47
CA LEU A 342 -2.05 3.64 -17.77
C LEU A 342 -1.77 3.76 -16.27
N ILE A 343 -2.09 4.95 -15.72
CA ILE A 343 -1.97 5.16 -14.29
C ILE A 343 -0.64 4.77 -13.78
N SER A 344 -0.46 3.98 -12.70
CA SER A 344 0.86 3.75 -12.21
C SER A 344 1.85 3.02 -13.11
N ALA A 345 1.33 2.26 -14.07
CA ALA A 345 2.24 1.58 -14.97
C ALA A 345 2.71 2.46 -16.12
N CYS A 346 2.06 3.59 -16.37
CA CYS A 346 2.33 4.40 -17.53
C CYS A 346 3.76 4.83 -17.78
N VAL A 347 4.46 5.29 -16.74
CA VAL A 347 5.85 5.72 -16.91
C VAL A 347 6.77 4.52 -17.14
N LEU A 348 6.36 3.33 -16.68
CA LEU A 348 7.20 2.15 -16.86
C LEU A 348 7.12 1.64 -18.31
N PHE A 349 6.00 1.84 -18.96
CA PHE A 349 5.85 1.57 -20.38
C PHE A 349 6.68 2.60 -21.18
N ILE A 350 6.74 3.84 -20.64
CA ILE A 350 7.58 4.86 -21.29
C ILE A 350 9.03 4.48 -21.16
N ILE A 351 9.51 4.00 -20.02
CA ILE A 351 10.91 3.59 -19.88
C ILE A 351 11.22 2.50 -20.93
N ASP A 352 10.28 1.58 -21.15
CA ASP A 352 10.56 0.45 -22.11
C ASP A 352 10.57 0.99 -23.53
N GLU A 353 9.69 1.93 -23.82
CA GLU A 353 9.61 2.58 -25.11
C GLU A 353 10.92 3.30 -25.39
N VAL A 354 11.47 4.05 -24.46
CA VAL A 354 12.73 4.76 -24.64
C VAL A 354 13.90 3.83 -24.97
N ARG A 355 14.10 2.80 -24.15
CA ARG A 355 15.21 1.90 -24.40
C ARG A 355 15.00 1.07 -25.68
N LYS A 356 13.82 0.64 -26.04
CA LYS A 356 13.57 -0.15 -27.23
C LYS A 356 13.74 0.72 -28.48
N ARG A 357 13.22 1.96 -28.45
CA ARG A 357 13.38 2.87 -29.59
C ARG A 357 14.86 3.25 -29.72
N SER A 358 15.58 3.37 -28.62
CA SER A 358 16.98 3.79 -28.64
C SER A 358 17.87 2.71 -29.25
N MET A 359 17.53 1.46 -28.97
CA MET A 359 18.29 0.36 -29.54
C MET A 359 17.88 0.13 -30.98
N ALA A 360 16.63 0.28 -31.38
CA ALA A 360 16.20 0.12 -32.75
C ALA A 360 16.82 1.20 -33.66
N GLU A 361 17.07 2.39 -33.13
CA GLU A 361 17.66 3.47 -33.91
C GLU A 361 19.19 3.42 -33.87
N GLY A 362 19.80 2.52 -33.10
CA GLY A 362 21.24 2.51 -32.99
C GLY A 362 21.87 3.62 -32.17
N LYS A 363 21.13 4.21 -31.23
CA LYS A 363 21.67 5.26 -30.38
C LYS A 363 22.83 4.68 -29.58
N SER A 364 23.69 5.54 -29.07
CA SER A 364 24.84 5.09 -28.31
C SER A 364 24.51 4.70 -26.89
N THR A 365 23.33 5.07 -26.35
CA THR A 365 22.96 4.71 -24.98
C THR A 365 21.51 4.28 -24.95
N THR A 366 21.03 3.64 -23.88
CA THR A 366 19.62 3.27 -23.79
C THR A 366 18.69 4.46 -23.53
N GLY A 367 19.25 5.63 -23.25
CA GLY A 367 18.40 6.82 -23.05
C GLY A 367 18.59 7.81 -24.18
N GLU A 368 18.20 7.41 -25.38
CA GLU A 368 18.20 8.20 -26.60
C GLU A 368 19.56 8.78 -27.00
N GLY A 369 20.62 8.10 -26.60
CA GLY A 369 21.99 8.54 -26.87
C GLY A 369 22.51 9.49 -25.82
N LEU A 370 21.71 9.84 -24.82
CA LEU A 370 22.09 10.74 -23.77
C LEU A 370 22.45 9.99 -22.49
N ASP A 371 23.06 10.68 -21.59
N ASP A 371 23.03 10.66 -21.54
CA ASP A 371 23.56 10.07 -20.35
CA ASP A 371 23.55 10.02 -20.32
C ASP A 371 22.51 10.03 -19.22
C ASP A 371 22.59 10.05 -19.11
N CYS A 372 21.93 11.18 -18.83
CA CYS A 372 20.99 11.22 -17.71
C CYS A 372 19.57 11.49 -18.12
N GLY A 373 18.58 11.01 -17.34
CA GLY A 373 17.19 11.25 -17.73
C GLY A 373 16.34 11.45 -16.47
N VAL A 374 15.19 12.05 -16.70
CA VAL A 374 14.30 12.39 -15.62
C VAL A 374 12.92 11.85 -15.93
N LEU A 375 12.43 11.13 -14.95
CA LEU A 375 11.09 10.56 -15.00
C LEU A 375 10.22 11.29 -13.97
N PHE A 376 9.01 11.62 -14.38
CA PHE A 376 8.07 12.28 -13.50
C PHE A 376 6.76 11.48 -13.47
N GLY A 377 6.23 11.34 -12.28
CA GLY A 377 4.90 10.86 -12.00
C GLY A 377 4.09 12.00 -11.35
N PHE A 378 2.82 12.10 -11.62
CA PHE A 378 1.96 13.15 -11.02
C PHE A 378 0.71 12.52 -10.45
N GLY A 379 0.36 12.75 -9.18
CA GLY A 379 -0.82 12.16 -8.59
C GLY A 379 -1.40 13.03 -7.47
N PRO A 380 -2.42 12.51 -6.80
CA PRO A 380 -3.19 13.27 -5.83
C PRO A 380 -2.27 13.79 -4.74
N GLY A 381 -2.61 14.97 -4.21
CA GLY A 381 -1.77 15.60 -3.14
C GLY A 381 -1.76 17.08 -3.58
N MET A 382 -1.44 17.70 -4.70
CA MET A 382 -0.84 17.10 -5.82
C MET A 382 0.54 16.58 -5.36
N THR A 383 0.94 15.42 -5.86
CA THR A 383 2.30 14.92 -5.57
C THR A 383 3.12 14.80 -6.86
N VAL A 384 4.39 15.11 -6.84
CA VAL A 384 5.22 14.86 -8.03
C VAL A 384 6.30 13.88 -7.55
N GLU A 385 6.47 12.81 -8.31
CA GLU A 385 7.63 11.94 -7.99
C GLU A 385 8.69 12.22 -9.06
N THR A 386 9.92 12.50 -8.72
CA THR A 386 10.96 12.76 -9.74
C THR A 386 12.08 11.76 -9.63
N VAL A 387 12.31 10.95 -10.69
CA VAL A 387 13.35 9.91 -10.54
C VAL A 387 14.44 10.18 -11.58
N VAL A 388 15.71 10.18 -11.17
CA VAL A 388 16.75 10.37 -12.17
C VAL A 388 17.27 8.97 -12.57
N LEU A 389 17.31 8.79 -13.90
CA LEU A 389 17.88 7.54 -14.43
C LEU A 389 19.20 7.84 -15.14
N ARG A 390 20.18 6.95 -14.99
CA ARG A 390 21.40 7.03 -15.79
C ARG A 390 21.27 5.96 -16.89
N SER A 391 21.47 6.32 -18.15
CA SER A 391 21.39 5.34 -19.24
C SER A 391 22.63 4.44 -19.26
N VAL A 392 22.61 3.38 -20.08
CA VAL A 392 23.75 2.47 -20.18
C VAL A 392 24.24 2.51 -21.64
N ARG A 393 25.55 2.44 -21.84
CA ARG A 393 26.11 2.54 -23.20
C ARG A 393 25.74 1.31 -24.05
N VAL A 394 25.27 1.58 -25.28
CA VAL A 394 24.91 0.43 -26.15
C VAL A 394 26.20 0.22 -26.97
N THR A 395 26.83 -0.89 -26.60
CA THR A 395 28.10 -1.36 -27.12
C THR A 395 29.26 -0.81 -26.29
N GLY B 20 24.66 1.54 11.14
CA GLY B 20 24.43 0.36 12.04
C GLY B 20 22.97 -0.03 11.73
N LEU B 21 22.45 -0.87 12.59
CA LEU B 21 21.11 -1.39 12.44
C LEU B 21 20.06 -0.28 12.59
N ALA B 22 18.99 -0.44 11.81
CA ALA B 22 17.82 0.44 12.05
C ALA B 22 17.42 0.30 13.51
N THR B 23 17.23 1.41 14.24
CA THR B 23 16.87 1.29 15.65
C THR B 23 15.58 2.06 15.98
N ILE B 24 14.77 1.46 16.82
CA ILE B 24 13.54 2.10 17.25
C ILE B 24 13.95 3.13 18.33
N LEU B 25 13.66 4.41 18.10
CA LEU B 25 14.05 5.47 19.05
C LEU B 25 12.94 6.07 19.86
N ALA B 26 11.69 5.80 19.51
CA ALA B 26 10.55 6.35 20.25
C ALA B 26 9.30 5.60 19.84
N ILE B 27 8.40 5.41 20.78
CA ILE B 27 7.11 4.83 20.51
C ILE B 27 5.98 5.63 21.12
N GLY B 28 4.95 5.95 20.35
CA GLY B 28 3.79 6.58 20.98
C GLY B 28 2.48 5.89 20.59
N THR B 29 1.47 5.80 21.45
CA THR B 29 0.22 5.16 21.11
C THR B 29 -0.98 6.04 21.45
N ALA B 30 -2.12 5.79 20.82
CA ALA B 30 -3.34 6.56 21.05
C ALA B 30 -4.51 5.61 20.79
N THR B 31 -5.66 5.90 21.36
CA THR B 31 -6.89 5.18 21.11
C THR B 31 -8.03 6.21 21.07
N PRO B 32 -9.12 5.88 20.41
CA PRO B 32 -10.35 6.60 20.54
C PRO B 32 -10.76 6.65 22.01
N PRO B 33 -11.45 7.72 22.39
CA PRO B 33 -11.84 7.94 23.79
C PRO B 33 -12.88 6.95 24.32
N ASN B 34 -13.88 6.55 23.59
CA ASN B 34 -14.96 5.61 23.97
C ASN B 34 -14.42 4.19 24.17
N CYS B 35 -14.57 3.68 25.38
CA CYS B 35 -14.14 2.38 25.82
C CYS B 35 -15.34 1.51 26.16
N VAL B 36 -15.40 0.28 25.66
CA VAL B 36 -16.49 -0.62 26.08
C VAL B 36 -15.88 -1.85 26.76
N ALA B 37 -16.40 -2.20 27.96
CA ALA B 37 -15.88 -3.36 28.67
C ALA B 37 -16.32 -4.65 27.95
N GLN B 38 -15.46 -5.66 27.89
CA GLN B 38 -15.83 -6.88 27.14
C GLN B 38 -16.99 -7.59 27.83
N ALA B 39 -16.97 -7.54 29.17
CA ALA B 39 -18.10 -8.09 29.95
C ALA B 39 -19.41 -7.44 29.60
N ASP B 40 -19.47 -6.23 29.02
CA ASP B 40 -20.72 -5.63 28.61
C ASP B 40 -21.01 -5.70 27.12
N TYR B 41 -20.02 -6.16 26.33
CA TYR B 41 -20.10 -5.98 24.89
C TYR B 41 -21.24 -6.69 24.19
N ALA B 42 -21.53 -7.94 24.58
CA ALA B 42 -22.65 -8.67 23.96
C ALA B 42 -23.98 -7.99 24.14
N ASP B 43 -24.24 -7.50 25.35
CA ASP B 43 -25.50 -6.74 25.55
C ASP B 43 -25.51 -5.46 24.73
N TYR B 44 -24.38 -4.73 24.73
CA TYR B 44 -24.34 -3.49 23.95
C TYR B 44 -24.59 -3.85 22.49
N TYR B 45 -23.85 -4.87 22.02
CA TYR B 45 -23.95 -5.22 20.59
C TYR B 45 -25.32 -5.72 20.18
N PHE B 46 -25.91 -6.65 20.93
CA PHE B 46 -27.26 -7.14 20.56
C PHE B 46 -28.29 -6.02 20.60
N ARG B 47 -28.11 -5.07 21.52
CA ARG B 47 -29.05 -3.94 21.59
C ARG B 47 -28.84 -3.00 20.42
N VAL B 48 -27.63 -2.48 20.21
CA VAL B 48 -27.48 -1.49 19.13
C VAL B 48 -27.80 -2.07 17.77
N THR B 49 -27.62 -3.40 17.56
CA THR B 49 -27.99 -3.89 16.23
C THR B 49 -29.44 -4.28 16.17
N LYS B 50 -30.25 -4.04 17.21
CA LYS B 50 -31.66 -4.44 17.21
C LYS B 50 -31.89 -5.93 16.95
N SER B 51 -31.12 -6.75 17.68
CA SER B 51 -31.07 -8.18 17.41
C SER B 51 -31.40 -9.01 18.63
N GLU B 52 -32.06 -8.38 19.61
CA GLU B 52 -32.47 -9.01 20.84
C GLU B 52 -33.34 -10.23 20.59
N HIS B 53 -34.03 -10.37 19.46
CA HIS B 53 -34.79 -11.57 19.16
C HIS B 53 -33.91 -12.77 18.83
N MET B 54 -32.61 -12.62 18.59
CA MET B 54 -31.71 -13.76 18.41
C MET B 54 -31.07 -14.17 19.72
N VAL B 55 -31.86 -14.74 20.64
CA VAL B 55 -31.40 -15.09 21.97
C VAL B 55 -30.31 -16.12 22.01
N ASP B 56 -30.37 -17.16 21.17
CA ASP B 56 -29.35 -18.21 21.24
C ASP B 56 -28.02 -17.66 20.73
N LEU B 57 -28.06 -16.91 19.63
CA LEU B 57 -26.88 -16.27 19.07
C LEU B 57 -26.25 -15.26 20.02
N LYS B 58 -27.11 -14.63 20.86
CA LYS B 58 -26.60 -13.75 21.89
C LYS B 58 -25.84 -14.52 22.94
N GLU B 59 -26.41 -15.68 23.32
CA GLU B 59 -25.77 -16.55 24.27
C GLU B 59 -24.42 -17.03 23.72
N LYS B 60 -24.42 -17.48 22.46
CA LYS B 60 -23.14 -17.86 21.83
C LYS B 60 -22.19 -16.66 21.88
N PHE B 61 -22.63 -15.47 21.49
CA PHE B 61 -21.67 -14.33 21.51
C PHE B 61 -21.18 -14.03 22.90
N LYS B 62 -21.99 -14.24 23.94
CA LYS B 62 -21.54 -14.09 25.33
C LYS B 62 -20.42 -15.06 25.64
N ARG B 63 -20.61 -16.30 25.17
CA ARG B 63 -19.52 -17.29 25.30
C ARG B 63 -18.28 -16.81 24.54
N ILE B 64 -18.42 -16.37 23.30
CA ILE B 64 -17.24 -15.95 22.52
C ILE B 64 -16.46 -14.85 23.25
N CYS B 65 -17.16 -13.80 23.72
CA CYS B 65 -16.52 -12.70 24.46
C CYS B 65 -15.74 -13.09 25.70
N GLU B 66 -16.30 -14.01 26.49
CA GLU B 66 -15.67 -14.58 27.66
C GLU B 66 -14.38 -15.34 27.31
N LYS B 67 -14.33 -15.92 26.14
CA LYS B 67 -13.15 -16.70 25.73
C LYS B 67 -12.00 -15.82 25.18
N THR B 68 -12.32 -14.61 24.76
CA THR B 68 -11.33 -13.73 24.11
C THR B 68 -10.19 -13.26 25.03
N ALA B 69 -10.40 -13.31 26.33
CA ALA B 69 -9.40 -12.82 27.29
C ALA B 69 -9.07 -11.34 27.03
N ILE B 70 -10.11 -10.63 26.61
CA ILE B 70 -10.06 -9.18 26.36
C ILE B 70 -10.87 -8.50 27.46
N LYS B 71 -10.28 -7.55 28.14
CA LYS B 71 -10.98 -6.84 29.23
C LYS B 71 -11.81 -5.67 28.70
N LYS B 72 -11.23 -4.92 27.79
CA LYS B 72 -11.91 -3.76 27.20
C LYS B 72 -11.30 -3.41 25.84
N ARG B 73 -12.03 -2.59 25.12
CA ARG B 73 -11.64 -2.12 23.78
C ARG B 73 -12.13 -0.69 23.55
N TYR B 74 -11.28 0.10 22.91
CA TYR B 74 -11.62 1.47 22.54
C TYR B 74 -12.15 1.43 21.11
N LEU B 75 -13.23 2.13 20.89
CA LEU B 75 -13.89 2.12 19.58
C LEU B 75 -14.31 3.51 19.15
N ALA B 76 -13.96 3.82 17.91
CA ALA B 76 -14.32 5.12 17.32
C ALA B 76 -15.80 5.13 16.93
N LEU B 77 -16.31 3.94 16.59
CA LEU B 77 -17.75 3.73 16.24
C LEU B 77 -18.61 3.98 17.47
N THR B 78 -19.51 4.94 17.36
CA THR B 78 -20.41 5.26 18.48
C THR B 78 -21.84 4.82 18.16
N GLU B 79 -22.65 4.81 19.20
CA GLU B 79 -24.06 4.44 19.09
C GLU B 79 -24.77 5.43 18.18
N ASP B 80 -24.37 6.67 18.30
CA ASP B 80 -24.97 7.77 17.54
C ASP B 80 -24.69 7.61 16.05
N TYR B 81 -23.48 7.22 15.70
CA TYR B 81 -23.14 7.05 14.29
C TYR B 81 -23.97 5.92 13.68
N LEU B 82 -24.14 4.86 14.47
CA LEU B 82 -24.91 3.67 14.04
C LEU B 82 -26.40 4.03 13.85
N GLN B 83 -26.89 4.90 14.71
CA GLN B 83 -28.29 5.34 14.65
C GLN B 83 -28.50 6.20 13.40
N GLU B 84 -27.47 6.95 13.07
CA GLU B 84 -27.49 7.85 11.90
C GLU B 84 -27.22 7.07 10.60
N ASN B 85 -26.61 5.92 10.74
CA ASN B 85 -26.25 5.05 9.60
C ASN B 85 -26.68 3.62 9.93
N PRO B 86 -28.00 3.31 9.90
CA PRO B 86 -28.54 2.03 10.36
C PRO B 86 -28.09 0.85 9.57
N THR B 87 -27.86 1.13 8.34
CA THR B 87 -27.46 0.17 7.33
C THR B 87 -26.19 -0.59 7.79
N MET B 88 -25.40 0.04 8.65
CA MET B 88 -24.18 -0.57 9.21
C MET B 88 -24.53 -1.76 10.12
N CYS B 89 -25.76 -1.78 10.64
CA CYS B 89 -26.18 -2.86 11.56
C CYS B 89 -26.94 -3.99 10.85
N GLU B 90 -27.30 -3.77 9.59
CA GLU B 90 -28.04 -4.78 8.80
C GLU B 90 -27.08 -5.58 7.93
N PHE B 91 -26.95 -6.83 8.27
CA PHE B 91 -26.03 -7.73 7.58
C PHE B 91 -26.15 -7.58 6.05
N MET B 92 -25.01 -7.16 5.52
CA MET B 92 -24.71 -6.98 4.09
C MET B 92 -25.62 -5.95 3.36
N ALA B 93 -26.21 -5.03 4.09
CA ALA B 93 -26.94 -3.92 3.46
C ALA B 93 -25.85 -2.97 2.94
N PRO B 94 -26.08 -2.07 1.97
CA PRO B 94 -25.01 -1.19 1.50
C PRO B 94 -24.62 -0.26 2.60
N SER B 95 -23.35 -0.19 2.96
CA SER B 95 -22.95 0.70 4.08
C SER B 95 -21.49 1.17 3.97
N LEU B 96 -20.81 0.79 2.88
CA LEU B 96 -19.45 1.24 2.71
C LEU B 96 -19.34 2.79 2.79
N ASN B 97 -20.18 3.56 2.13
CA ASN B 97 -20.03 5.01 2.14
C ASN B 97 -20.04 5.58 3.56
N ALA B 98 -20.89 5.12 4.44
CA ALA B 98 -20.93 5.49 5.86
C ALA B 98 -19.66 5.07 6.59
N ARG B 99 -19.18 3.83 6.30
CA ARG B 99 -17.92 3.43 6.90
C ARG B 99 -16.76 4.35 6.48
N GLN B 100 -16.62 4.58 5.19
CA GLN B 100 -15.55 5.40 4.66
C GLN B 100 -15.65 6.82 5.25
N ASP B 101 -16.89 7.32 5.37
CA ASP B 101 -17.07 8.65 5.95
C ASP B 101 -16.47 8.70 7.34
N LEU B 102 -16.53 7.68 8.17
CA LEU B 102 -15.86 7.66 9.45
C LEU B 102 -14.35 7.49 9.34
N VAL B 103 -13.92 6.36 8.77
CA VAL B 103 -12.48 6.03 8.78
C VAL B 103 -11.59 6.87 7.90
N VAL B 104 -12.02 7.50 6.84
CA VAL B 104 -11.13 8.31 5.98
C VAL B 104 -10.61 9.55 6.74
N THR B 105 -11.41 10.08 7.66
CA THR B 105 -10.82 11.19 8.48
C THR B 105 -10.37 10.59 9.79
N GLY B 106 -11.11 9.61 10.32
CA GLY B 106 -10.74 8.98 11.62
C GLY B 106 -9.33 8.45 11.70
N VAL B 107 -8.94 7.72 10.62
CA VAL B 107 -7.70 6.94 10.69
C VAL B 107 -6.52 7.89 10.77
N PRO B 108 -6.39 8.85 9.90
CA PRO B 108 -5.25 9.79 9.97
C PRO B 108 -5.27 10.61 11.27
N MET B 109 -6.46 11.02 11.70
CA MET B 109 -6.54 11.80 12.98
C MET B 109 -6.07 11.03 14.18
N LEU B 110 -6.45 9.75 14.38
CA LEU B 110 -5.94 8.90 15.42
C LEU B 110 -4.44 8.69 15.24
N GLY B 111 -4.01 8.49 14.00
CA GLY B 111 -2.55 8.27 13.74
C GLY B 111 -1.78 9.56 14.19
N LYS B 112 -2.29 10.73 13.87
CA LYS B 112 -1.59 11.97 14.31
C LYS B 112 -1.42 11.97 15.82
N GLU B 113 -2.43 11.58 16.58
CA GLU B 113 -2.35 11.59 18.04
C GLU B 113 -1.23 10.72 18.55
N ALA B 114 -1.12 9.51 17.95
CA ALA B 114 0.01 8.65 18.36
C ALA B 114 1.32 9.27 17.89
N ALA B 115 1.36 9.83 16.70
CA ALA B 115 2.63 10.32 16.15
C ALA B 115 3.16 11.55 16.95
N VAL B 116 2.22 12.38 17.41
CA VAL B 116 2.68 13.51 18.27
C VAL B 116 3.40 12.99 19.49
N LYS B 117 2.87 11.94 20.12
CA LYS B 117 3.51 11.37 21.32
C LYS B 117 4.88 10.80 20.99
N ALA B 118 4.97 10.09 19.87
CA ALA B 118 6.29 9.54 19.48
C ALA B 118 7.28 10.67 19.26
N ILE B 119 6.93 11.69 18.54
CA ILE B 119 7.75 12.83 18.19
C ILE B 119 8.19 13.61 19.46
N ASP B 120 7.29 13.74 20.41
CA ASP B 120 7.59 14.37 21.70
C ASP B 120 8.56 13.51 22.48
N GLU B 121 8.35 12.15 22.50
CA GLU B 121 9.34 11.38 23.21
C GLU B 121 10.69 11.53 22.55
N TRP B 122 10.70 11.41 21.20
CA TRP B 122 11.99 11.44 20.49
C TRP B 122 12.68 12.79 20.79
N GLY B 123 11.96 13.92 20.66
CA GLY B 123 12.46 15.20 21.16
C GLY B 123 13.16 16.05 20.14
N LEU B 124 13.39 15.55 18.92
CA LEU B 124 14.05 16.26 17.85
C LEU B 124 13.03 16.94 16.97
N PRO B 125 13.45 17.91 16.17
CA PRO B 125 12.56 18.61 15.30
C PRO B 125 11.92 17.64 14.29
N LYS B 126 10.64 17.83 13.98
CA LYS B 126 9.82 17.01 13.11
C LYS B 126 10.30 17.17 11.67
N SER B 127 11.08 18.23 11.49
N SER B 127 11.05 18.25 11.43
CA SER B 127 11.64 18.61 10.20
CA SER B 127 11.59 18.56 10.09
C SER B 127 12.68 17.57 9.75
C SER B 127 12.68 17.53 9.71
N LYS B 128 13.24 16.85 10.72
CA LYS B 128 14.22 15.81 10.51
C LYS B 128 13.53 14.45 10.13
N ILE B 129 12.21 14.40 10.05
CA ILE B 129 11.59 13.12 9.58
C ILE B 129 11.68 13.07 8.06
N THR B 130 12.44 12.09 7.52
CA THR B 130 12.62 12.07 6.06
C THR B 130 11.72 11.13 5.28
N HIS B 131 11.16 10.14 5.98
CA HIS B 131 10.30 9.13 5.40
C HIS B 131 9.12 8.93 6.33
N LEU B 132 7.96 8.60 5.76
CA LEU B 132 6.80 8.25 6.53
C LEU B 132 6.16 6.95 5.97
N ILE B 133 5.87 6.03 6.83
CA ILE B 133 5.17 4.78 6.44
C ILE B 133 3.82 4.83 7.17
N PHE B 134 2.71 4.95 6.45
CA PHE B 134 1.41 4.97 7.07
C PHE B 134 0.75 3.63 6.73
N CYS B 135 0.30 2.94 7.79
CA CYS B 135 -0.29 1.64 7.53
C CYS B 135 -1.65 1.48 8.20
N THR B 136 -2.65 1.00 7.49
CA THR B 136 -3.95 0.70 8.08
C THR B 136 -4.64 -0.44 7.28
N THR B 137 -5.76 -0.89 7.81
CA THR B 137 -6.60 -1.93 7.20
C THR B 137 -8.04 -1.40 7.08
N ALA B 138 -8.22 -0.13 7.45
CA ALA B 138 -9.56 0.50 7.47
C ALA B 138 -9.70 1.69 6.50
N GLY B 139 -10.39 1.40 5.40
CA GLY B 139 -10.74 2.38 4.33
C GLY B 139 -9.54 2.73 3.43
N VAL B 140 -9.86 3.46 2.36
CA VAL B 140 -8.86 4.01 1.40
C VAL B 140 -9.41 5.31 0.83
N ASP B 141 -8.51 6.11 0.31
CA ASP B 141 -8.86 7.41 -0.26
C ASP B 141 -7.68 7.97 -1.03
N MET B 142 -7.95 8.93 -1.90
CA MET B 142 -6.90 9.59 -2.70
C MET B 142 -7.07 11.11 -2.61
N PRO B 143 -6.07 11.85 -2.17
CA PRO B 143 -4.84 11.57 -1.59
C PRO B 143 -5.04 10.58 -0.44
N GLY B 144 -4.05 9.79 -0.02
CA GLY B 144 -4.27 8.86 1.06
C GLY B 144 -4.10 9.41 2.49
N ALA B 145 -4.24 8.50 3.46
CA ALA B 145 -4.07 8.84 4.85
C ALA B 145 -2.66 9.36 5.10
N ASP B 146 -1.66 8.91 4.32
CA ASP B 146 -0.31 9.46 4.49
C ASP B 146 -0.25 10.96 4.20
N TYR B 147 -0.92 11.40 3.14
CA TYR B 147 -0.96 12.84 2.80
C TYR B 147 -1.67 13.55 3.94
N GLN B 148 -2.81 12.98 4.37
CA GLN B 148 -3.53 13.63 5.46
C GLN B 148 -2.67 13.79 6.72
N LEU B 149 -1.84 12.78 7.05
CA LEU B 149 -0.96 12.85 8.19
C LEU B 149 0.07 13.96 8.01
N VAL B 150 0.74 14.07 6.87
CA VAL B 150 1.73 15.14 6.75
C VAL B 150 1.10 16.54 6.96
N LYS B 151 -0.07 16.75 6.43
CA LYS B 151 -0.78 18.03 6.59
C LYS B 151 -1.14 18.24 8.05
N LEU B 152 -1.65 17.19 8.71
CA LEU B 152 -2.00 17.23 10.10
C LEU B 152 -0.80 17.56 10.97
N LEU B 153 0.34 16.90 10.73
CA LEU B 153 1.49 17.09 11.55
C LEU B 153 2.39 18.26 11.12
N GLY B 154 2.21 18.79 9.93
CA GLY B 154 3.11 19.78 9.37
C GLY B 154 4.49 19.22 8.99
N LEU B 155 4.50 17.98 8.40
CA LEU B 155 5.79 17.40 8.09
C LEU B 155 6.26 18.03 6.79
N SER B 156 7.51 17.82 6.46
CA SER B 156 8.06 18.36 5.21
C SER B 156 7.20 17.89 4.02
N PRO B 157 6.82 18.79 3.09
CA PRO B 157 6.06 18.39 1.91
C PRO B 157 6.87 17.46 1.03
N SER B 158 8.16 17.39 1.31
CA SER B 158 9.08 16.52 0.54
C SER B 158 9.43 15.23 1.30
N VAL B 159 8.66 14.92 2.33
CA VAL B 159 8.88 13.67 3.08
C VAL B 159 8.52 12.49 2.11
N LYS B 160 9.35 11.45 2.07
CA LYS B 160 9.08 10.29 1.20
C LYS B 160 8.06 9.39 1.87
N ARG B 161 6.95 9.09 1.22
CA ARG B 161 5.85 8.37 1.81
C ARG B 161 5.59 6.97 1.23
N TYR B 162 5.11 6.08 2.08
CA TYR B 162 4.85 4.66 1.76
C TYR B 162 3.44 4.37 2.26
N MET B 163 2.45 4.46 1.40
CA MET B 163 1.07 4.34 1.85
C MET B 163 0.63 2.87 1.77
N LEU B 164 0.53 2.25 2.94
CA LEU B 164 0.12 0.85 2.98
C LEU B 164 -1.32 0.67 3.41
N TYR B 165 -2.18 0.38 2.44
CA TYR B 165 -3.57 0.15 2.69
C TYR B 165 -3.99 -1.35 2.60
N GLN B 166 -5.07 -1.65 3.29
CA GLN B 166 -5.69 -2.96 3.37
C GLN B 166 -4.67 -3.98 3.80
N GLN B 167 -3.96 -3.73 4.89
CA GLN B 167 -2.76 -4.47 5.20
C GLN B 167 -3.01 -5.65 6.12
N GLY B 168 -3.92 -5.55 7.07
CA GLY B 168 -4.22 -6.62 7.98
C GLY B 168 -3.19 -6.88 9.04
N ALA B 170 -0.64 -9.01 9.92
CA ALA B 170 0.82 -9.21 10.01
C ALA B 170 1.59 -7.91 9.81
N ALA B 171 0.90 -6.79 9.50
CA ALA B 171 1.54 -5.62 8.99
C ALA B 171 2.31 -4.74 10.00
N GLY B 172 2.23 -5.03 11.29
CA GLY B 172 3.10 -4.48 12.28
C GLY B 172 4.51 -5.00 12.00
N GLY B 173 4.63 -6.29 11.56
CA GLY B 173 5.92 -6.76 11.07
C GLY B 173 6.32 -6.12 9.76
N THR B 174 5.33 -5.92 8.87
CA THR B 174 5.66 -5.30 7.58
C THR B 174 6.31 -3.92 7.79
N VAL B 175 5.72 -3.12 8.74
CA VAL B 175 6.23 -1.72 8.80
C VAL B 175 7.68 -1.75 9.29
N LEU B 176 7.99 -2.61 10.23
CA LEU B 176 9.35 -2.75 10.75
C LEU B 176 10.29 -3.24 9.65
N ARG B 177 9.83 -4.23 8.86
CA ARG B 177 10.66 -4.68 7.70
C ARG B 177 11.00 -3.62 6.71
N LEU B 178 10.01 -2.83 6.29
CA LEU B 178 10.17 -1.67 5.43
C LEU B 178 11.07 -0.60 6.09
N ALA B 179 10.74 -0.13 7.30
CA ALA B 179 11.53 0.94 7.93
C ALA B 179 13.00 0.59 8.09
N LYS B 180 13.30 -0.68 8.41
CA LYS B 180 14.68 -1.15 8.46
C LYS B 180 15.44 -0.86 7.17
N ASP B 181 14.91 -1.16 5.99
CA ASP B 181 15.65 -0.90 4.75
C ASP B 181 15.75 0.60 4.45
N LEU B 182 14.69 1.36 4.62
CA LEU B 182 14.75 2.82 4.41
C LEU B 182 15.80 3.47 5.32
N ALA B 183 15.82 3.14 6.58
CA ALA B 183 16.71 3.78 7.56
C ALA B 183 18.14 3.42 7.29
N GLU B 184 18.37 2.11 6.96
CA GLU B 184 19.74 1.67 6.69
C GLU B 184 20.26 2.08 5.34
N ASN B 185 19.42 2.36 4.37
CA ASN B 185 19.97 2.71 3.06
C ASN B 185 20.14 4.21 2.97
N ASN B 186 19.53 5.01 3.91
CA ASN B 186 19.58 6.46 3.72
C ASN B 186 20.25 7.17 4.90
N LYS B 187 21.52 7.49 4.69
CA LYS B 187 22.30 8.11 5.77
C LYS B 187 21.58 9.34 6.34
N GLY B 188 21.40 9.37 7.65
CA GLY B 188 20.79 10.52 8.35
C GLY B 188 19.28 10.38 8.41
N SER B 189 18.72 9.30 7.77
CA SER B 189 17.28 9.35 7.62
C SER B 189 16.64 8.99 8.94
N ARG B 190 15.44 9.52 9.16
CA ARG B 190 14.63 9.20 10.32
C ARG B 190 13.22 8.91 9.83
N VAL B 191 12.77 7.70 10.15
CA VAL B 191 11.51 7.19 9.63
C VAL B 191 10.45 7.21 10.71
N LEU B 192 9.32 7.82 10.38
CA LEU B 192 8.12 7.80 11.18
C LEU B 192 7.19 6.70 10.61
N ILE B 193 6.88 5.79 11.49
CA ILE B 193 5.95 4.69 11.22
C ILE B 193 4.66 5.02 11.97
N VAL B 194 3.55 5.03 11.27
CA VAL B 194 2.26 5.04 11.90
C VAL B 194 1.35 3.92 11.40
N CYS B 195 0.89 3.08 12.35
CA CYS B 195 -0.17 2.15 12.04
C CYS B 195 -1.42 2.69 12.71
N SER B 196 -2.53 2.82 12.03
CA SER B 196 -3.73 3.31 12.65
C SER B 196 -4.95 2.53 12.17
N GLU B 197 -5.61 1.93 13.16
CA GLU B 197 -6.73 1.04 12.81
C GLU B 197 -8.01 1.43 13.50
N ILE B 198 -9.07 1.54 12.71
CA ILE B 198 -10.42 1.70 13.15
C ILE B 198 -11.33 0.58 12.68
N THR B 199 -11.80 -0.24 13.64
CA THR B 199 -12.61 -1.39 13.26
C THR B 199 -14.01 -1.16 12.81
N ALA B 200 -14.51 0.05 12.63
CA ALA B 200 -15.79 0.37 12.09
C ALA B 200 -15.98 -0.20 10.64
N ILE B 201 -14.86 -0.31 9.90
CA ILE B 201 -14.92 -0.85 8.55
C ILE B 201 -15.41 -2.30 8.53
N LEU B 202 -15.23 -3.07 9.58
CA LEU B 202 -15.65 -4.44 9.65
C LEU B 202 -16.72 -4.83 10.66
N PHE B 203 -17.34 -3.83 11.29
CA PHE B 203 -18.47 -4.02 12.19
C PHE B 203 -19.67 -4.52 11.39
N HIS B 204 -20.34 -5.54 11.90
CA HIS B 204 -21.51 -6.10 11.20
C HIS B 204 -22.51 -6.59 12.25
N GLY B 205 -23.78 -6.55 11.92
CA GLY B 205 -24.80 -7.10 12.80
C GLY B 205 -24.75 -8.63 12.73
N PRO B 206 -25.42 -9.29 13.66
CA PRO B 206 -25.39 -10.72 13.78
C PRO B 206 -26.14 -11.44 12.68
N ASN B 207 -25.60 -12.57 12.25
CA ASN B 207 -26.28 -13.39 11.24
C ASN B 207 -25.87 -14.85 11.43
N GLU B 208 -26.88 -15.68 11.69
CA GLU B 208 -26.76 -17.10 12.01
C GLU B 208 -25.92 -17.88 11.03
N ASN B 209 -25.86 -17.54 9.76
CA ASN B 209 -25.08 -18.20 8.76
C ASN B 209 -23.62 -17.75 8.71
N HIS B 210 -23.31 -16.70 9.49
CA HIS B 210 -21.95 -16.18 9.42
C HIS B 210 -21.39 -16.11 10.81
N LEU B 211 -21.12 -17.27 11.42
CA LEU B 211 -20.60 -17.29 12.77
C LEU B 211 -19.17 -16.75 12.84
N ASP B 212 -18.39 -16.84 11.74
CA ASP B 212 -17.01 -16.34 11.79
C ASP B 212 -17.09 -14.81 11.88
N SER B 213 -18.02 -14.20 11.16
CA SER B 213 -18.31 -12.79 11.25
C SER B 213 -18.75 -12.36 12.66
N LEU B 214 -19.51 -13.24 13.33
CA LEU B 214 -19.92 -12.92 14.71
C LEU B 214 -18.72 -12.92 15.63
N VAL B 215 -17.88 -13.95 15.46
CA VAL B 215 -16.68 -14.09 16.25
C VAL B 215 -15.83 -12.82 16.08
N ALA B 216 -15.75 -12.31 14.86
CA ALA B 216 -14.95 -11.13 14.54
C ALA B 216 -15.40 -9.89 15.31
N GLN B 217 -16.68 -9.76 15.63
CA GLN B 217 -17.24 -8.68 16.44
C GLN B 217 -16.76 -8.60 17.87
N ALA B 218 -16.16 -9.65 18.40
CA ALA B 218 -15.59 -9.67 19.73
C ALA B 218 -14.08 -9.48 19.74
N LEU B 219 -13.40 -9.57 18.57
CA LEU B 219 -11.97 -9.66 18.59
C LEU B 219 -11.17 -8.34 18.60
N PHE B 220 -11.59 -7.36 17.86
CA PHE B 220 -10.80 -6.23 17.43
C PHE B 220 -11.17 -4.94 18.19
N GLY B 221 -10.09 -4.18 18.43
CA GLY B 221 -10.32 -2.83 18.98
C GLY B 221 -9.52 -1.82 18.16
N ASP B 222 -9.75 -0.53 18.48
CA ASP B 222 -9.14 0.57 17.75
C ASP B 222 -7.92 1.15 18.39
N GLY B 223 -6.95 1.61 17.59
CA GLY B 223 -5.74 2.17 18.22
C GLY B 223 -4.77 2.62 17.17
N ALA B 224 -3.78 3.42 17.55
CA ALA B 224 -2.73 3.73 16.58
C ALA B 224 -1.43 3.77 17.34
N ALA B 225 -0.39 3.27 16.68
CA ALA B 225 0.95 3.33 17.24
C ALA B 225 1.85 4.07 16.28
N ALA B 226 2.82 4.82 16.81
CA ALA B 226 3.75 5.54 15.97
C ALA B 226 5.15 5.30 16.48
N LEU B 227 6.10 5.10 15.55
CA LEU B 227 7.46 4.85 15.99
C LEU B 227 8.40 5.80 15.24
N ILE B 228 9.54 6.14 15.80
CA ILE B 228 10.62 6.82 15.08
C ILE B 228 11.73 5.76 14.93
N VAL B 229 12.25 5.59 13.72
CA VAL B 229 13.27 4.56 13.46
C VAL B 229 14.42 5.18 12.69
N GLY B 230 15.64 4.85 13.06
CA GLY B 230 16.74 5.41 12.28
C GLY B 230 17.97 4.55 12.60
N SER B 231 18.99 4.67 11.79
CA SER B 231 20.27 4.06 12.05
C SER B 231 21.22 5.14 12.59
N GLY B 232 22.28 4.72 13.25
CA GLY B 232 23.25 5.75 13.65
C GLY B 232 22.68 6.76 14.66
N PRO B 233 22.17 6.32 15.79
CA PRO B 233 21.61 7.18 16.78
C PRO B 233 22.63 8.14 17.41
N HIS B 234 22.18 9.38 17.59
CA HIS B 234 23.08 10.38 18.28
C HIS B 234 22.84 10.17 19.75
N LEU B 235 23.62 9.33 20.41
CA LEU B 235 23.34 8.90 21.76
C LEU B 235 23.22 9.96 22.86
N ALA B 236 23.84 11.11 22.69
CA ALA B 236 23.61 12.13 23.77
C ALA B 236 22.13 12.55 23.74
N VAL B 237 21.41 12.59 22.63
CA VAL B 237 20.05 13.10 22.56
C VAL B 237 18.98 12.13 22.08
N GLU B 238 19.40 11.05 21.38
CA GLU B 238 18.41 10.02 21.00
C GLU B 238 18.58 8.83 21.92
N ARG B 239 17.52 8.11 22.23
CA ARG B 239 17.54 6.95 23.09
C ARG B 239 17.05 5.66 22.39
N PRO B 240 17.99 4.81 22.00
CA PRO B 240 17.62 3.51 21.43
C PRO B 240 16.81 2.72 22.42
N ILE B 241 15.79 2.07 21.92
CA ILE B 241 14.93 1.15 22.64
C ILE B 241 15.20 -0.28 22.10
N PHE B 242 15.22 -0.50 20.78
CA PHE B 242 15.50 -1.82 20.25
C PHE B 242 16.14 -1.63 18.87
N GLU B 243 17.03 -2.57 18.53
CA GLU B 243 17.56 -2.51 17.15
C GLU B 243 16.78 -3.57 16.34
N ILE B 244 16.54 -3.41 15.08
CA ILE B 244 15.82 -4.38 14.24
C ILE B 244 16.91 -5.21 13.54
N VAL B 245 17.15 -6.41 13.99
CA VAL B 245 18.21 -7.31 13.53
C VAL B 245 17.92 -7.95 12.18
N SER B 246 16.75 -8.55 12.05
CA SER B 246 16.41 -9.21 10.76
C SER B 246 14.93 -9.35 10.64
N THR B 247 14.41 -9.48 9.41
CA THR B 247 12.98 -9.56 9.16
C THR B 247 12.75 -10.72 8.14
N ASP B 248 11.79 -11.55 8.38
CA ASP B 248 11.45 -12.60 7.42
C ASP B 248 9.98 -12.42 7.10
N GLN B 249 9.56 -12.81 5.90
CA GLN B 249 8.12 -12.91 5.66
C GLN B 249 7.85 -14.24 4.93
N THR B 250 6.83 -14.99 5.31
CA THR B 250 6.61 -16.26 4.59
C THR B 250 5.13 -16.57 4.54
N ILE B 251 4.69 -17.28 3.52
CA ILE B 251 3.33 -17.76 3.37
C ILE B 251 3.25 -19.23 3.85
N LEU B 252 2.37 -19.53 4.76
CA LEU B 252 2.20 -20.86 5.34
C LEU B 252 1.46 -21.76 4.32
N PRO B 253 2.08 -22.90 4.01
CA PRO B 253 1.53 -23.78 2.98
C PRO B 253 0.12 -24.21 3.31
N ASP B 254 -0.76 -24.28 2.33
CA ASP B 254 -2.09 -24.82 2.46
C ASP B 254 -2.94 -24.14 3.54
N THR B 255 -2.79 -22.80 3.65
CA THR B 255 -3.65 -22.07 4.59
C THR B 255 -4.34 -20.90 3.90
N GLU B 256 -4.50 -20.93 2.60
CA GLU B 256 -5.17 -19.82 1.92
C GLU B 256 -6.60 -19.59 2.39
N LYS B 257 -7.33 -20.66 2.73
CA LYS B 257 -8.68 -20.50 3.24
C LYS B 257 -8.76 -19.95 4.64
N ALA B 258 -7.66 -19.88 5.38
CA ALA B 258 -7.69 -19.41 6.74
C ALA B 258 -8.44 -18.06 6.84
N MET B 259 -8.05 -17.07 6.01
CA MET B 259 -8.64 -15.75 6.13
C MET B 259 -8.76 -15.00 4.82
N LYS B 260 -9.99 -14.68 4.50
CA LYS B 260 -10.31 -13.89 3.34
C LYS B 260 -11.22 -12.75 3.80
N LEU B 261 -10.89 -11.54 3.36
CA LEU B 261 -11.71 -10.36 3.70
C LEU B 261 -11.82 -9.53 2.46
N HIS B 262 -13.01 -9.27 1.98
CA HIS B 262 -13.30 -8.56 0.77
C HIS B 262 -13.93 -7.17 1.05
N LEU B 263 -13.52 -6.17 0.29
CA LEU B 263 -14.10 -4.81 0.51
C LEU B 263 -15.26 -4.62 -0.44
N ARG B 264 -16.48 -4.73 0.10
CA ARG B 264 -17.69 -4.73 -0.71
C ARG B 264 -18.63 -3.59 -0.30
N GLU B 265 -19.75 -3.48 -0.97
CA GLU B 265 -20.72 -2.44 -0.71
C GLU B 265 -21.22 -2.48 0.75
N GLY B 266 -21.18 -3.61 1.43
CA GLY B 266 -21.59 -3.81 2.79
C GLY B 266 -20.49 -3.73 3.82
N GLY B 267 -19.30 -3.27 3.40
CA GLY B 267 -18.17 -3.14 4.33
C GLY B 267 -17.14 -4.23 4.05
N LEU B 268 -16.16 -4.36 4.92
CA LEU B 268 -15.12 -5.36 4.81
C LEU B 268 -15.71 -6.69 5.32
N THR B 269 -15.86 -7.69 4.45
CA THR B 269 -16.45 -8.95 4.86
C THR B 269 -15.45 -9.87 5.52
N PHE B 270 -15.87 -10.95 6.18
CA PHE B 270 -15.01 -11.84 6.92
C PHE B 270 -15.19 -13.33 6.64
N GLN B 271 -14.09 -14.00 6.35
CA GLN B 271 -14.07 -15.46 6.20
C GLN B 271 -12.91 -15.90 7.08
N LEU B 272 -13.17 -16.44 8.25
CA LEU B 272 -12.17 -16.79 9.23
C LEU B 272 -12.36 -18.26 9.64
N HIS B 273 -11.36 -19.05 9.24
CA HIS B 273 -11.43 -20.47 9.57
C HIS B 273 -11.22 -20.75 11.03
N ARG B 274 -12.00 -21.67 11.62
CA ARG B 274 -11.82 -22.04 13.02
C ARG B 274 -10.49 -22.69 13.32
N ASP B 275 -9.75 -23.24 12.37
CA ASP B 275 -8.48 -23.88 12.66
C ASP B 275 -7.28 -22.96 12.48
N VAL B 276 -7.53 -21.64 12.43
CA VAL B 276 -6.40 -20.71 12.34
C VAL B 276 -5.38 -20.95 13.40
N PRO B 277 -5.72 -21.10 14.68
CA PRO B 277 -4.73 -21.33 15.71
C PRO B 277 -3.85 -22.53 15.40
N LEU B 278 -4.47 -23.64 15.00
CA LEU B 278 -3.69 -24.86 14.66
C LEU B 278 -2.82 -24.65 13.43
N MET B 279 -3.28 -23.83 12.47
CA MET B 279 -2.39 -23.54 11.33
C MET B 279 -1.17 -22.74 11.76
N VAL B 280 -1.31 -21.90 12.81
CA VAL B 280 -0.13 -21.22 13.34
C VAL B 280 0.70 -22.25 14.08
N ALA B 281 0.05 -23.20 14.81
CA ALA B 281 0.88 -24.13 15.61
C ALA B 281 1.79 -25.01 14.78
N LYS B 282 1.30 -25.42 13.61
CA LYS B 282 2.03 -26.30 12.71
C LYS B 282 3.28 -25.63 12.16
N ASN B 283 3.18 -24.32 11.92
CA ASN B 283 4.31 -23.62 11.28
C ASN B 283 5.20 -22.83 12.20
N ILE B 284 4.86 -22.59 13.45
CA ILE B 284 5.59 -21.57 14.23
C ILE B 284 6.97 -21.92 14.66
N GLU B 285 7.36 -23.17 14.94
CA GLU B 285 8.71 -23.49 15.31
C GLU B 285 9.65 -23.27 14.13
N ASN B 286 9.17 -23.58 12.91
CA ASN B 286 10.05 -23.30 11.76
C ASN B 286 10.32 -21.80 11.62
N ALA B 287 9.36 -20.91 11.88
CA ALA B 287 9.67 -19.46 11.77
C ALA B 287 10.64 -19.03 12.85
N ALA B 288 10.53 -19.51 14.08
CA ALA B 288 11.45 -19.24 15.18
C ALA B 288 12.87 -19.68 14.89
N GLU B 289 12.97 -20.94 14.38
CA GLU B 289 14.24 -21.56 14.05
C GLU B 289 14.93 -20.83 12.92
N LYS B 290 14.15 -20.44 11.92
CA LYS B 290 14.73 -19.74 10.79
C LYS B 290 15.31 -18.39 11.27
N ALA B 291 14.62 -17.72 12.21
CA ALA B 291 15.11 -16.42 12.67
C ALA B 291 16.27 -16.47 13.69
N LEU B 292 16.22 -17.48 14.54
CA LEU B 292 17.20 -17.62 15.60
C LEU B 292 18.41 -18.51 15.35
N SER B 293 18.25 -19.50 14.44
CA SER B 293 19.46 -20.32 14.14
C SER B 293 20.60 -19.50 13.61
N PRO B 294 20.45 -18.53 12.73
CA PRO B 294 21.55 -17.69 12.27
C PRO B 294 22.31 -16.96 13.38
N LEU B 295 21.68 -16.78 14.53
CA LEU B 295 22.23 -16.12 15.68
C LEU B 295 22.79 -17.13 16.69
N GLY B 296 22.71 -18.43 16.34
CA GLY B 296 23.17 -19.45 17.24
C GLY B 296 22.25 -19.65 18.43
N ILE B 297 20.98 -19.25 18.31
CA ILE B 297 20.08 -19.38 19.45
C ILE B 297 19.13 -20.53 19.22
N THR B 298 19.09 -21.47 20.17
CA THR B 298 18.17 -22.61 20.00
C THR B 298 17.27 -22.76 21.20
N ASP B 299 17.55 -22.06 22.27
CA ASP B 299 16.70 -22.11 23.46
C ASP B 299 15.68 -20.97 23.40
N TRP B 300 14.42 -21.30 23.11
CA TRP B 300 13.32 -20.38 22.99
C TRP B 300 13.02 -19.56 24.26
N ASN B 301 13.43 -20.06 25.42
CA ASN B 301 13.18 -19.32 26.65
C ASN B 301 14.30 -18.35 26.97
N SER B 302 15.38 -18.40 26.18
CA SER B 302 16.45 -17.43 26.39
C SER B 302 16.16 -16.11 25.65
N VAL B 303 15.01 -15.91 25.05
CA VAL B 303 14.72 -14.71 24.26
C VAL B 303 13.32 -14.21 24.64
N PHE B 304 13.00 -12.96 24.35
CA PHE B 304 11.71 -12.40 24.75
C PHE B 304 10.82 -12.46 23.51
N TRP B 305 9.52 -12.51 23.64
CA TRP B 305 8.60 -12.75 22.54
C TRP B 305 7.51 -11.71 22.48
N MET B 306 7.19 -11.14 21.34
CA MET B 306 6.09 -10.23 21.10
C MET B 306 5.17 -10.88 20.05
N VAL B 307 4.03 -11.40 20.46
CA VAL B 307 3.21 -12.24 19.60
C VAL B 307 1.90 -11.59 19.33
N HIS B 308 1.65 -11.38 18.01
CA HIS B 308 0.39 -10.79 17.62
C HIS B 308 -0.77 -11.63 18.17
N PRO B 309 -1.65 -11.01 18.94
CA PRO B 309 -2.73 -11.77 19.61
C PRO B 309 -3.92 -11.87 18.74
N GLY B 310 -3.84 -12.52 17.55
CA GLY B 310 -4.98 -12.55 16.63
C GLY B 310 -6.20 -13.03 17.44
N GLY B 311 -5.96 -13.94 18.38
CA GLY B 311 -7.01 -14.36 19.32
C GLY B 311 -6.24 -14.96 20.48
N ARG B 312 -6.85 -15.16 21.66
CA ARG B 312 -6.19 -15.82 22.78
C ARG B 312 -5.57 -17.19 22.49
N ALA B 313 -6.28 -17.95 21.66
CA ALA B 313 -5.91 -19.34 21.26
C ALA B 313 -4.68 -19.34 20.37
N ILE B 314 -4.52 -18.23 19.60
CA ILE B 314 -3.24 -18.18 18.86
C ILE B 314 -2.09 -18.06 19.82
N LEU B 315 -2.20 -17.15 20.85
CA LEU B 315 -1.13 -17.04 21.84
C LEU B 315 -0.86 -18.41 22.48
N ASP B 316 -1.91 -19.10 22.86
CA ASP B 316 -1.80 -20.36 23.59
C ASP B 316 -1.05 -21.40 22.73
N GLN B 317 -1.39 -21.42 21.44
CA GLN B 317 -0.69 -22.41 20.56
C GLN B 317 0.76 -22.06 20.42
N VAL B 318 1.07 -20.74 20.35
CA VAL B 318 2.50 -20.38 20.23
C VAL B 318 3.24 -20.79 21.48
N GLU B 319 2.64 -20.49 22.66
CA GLU B 319 3.28 -20.87 23.93
C GLU B 319 3.47 -22.41 24.05
N ARG B 320 2.49 -23.15 23.57
CA ARG B 320 2.61 -24.63 23.59
C ARG B 320 3.69 -25.11 22.66
N LYS B 321 3.62 -24.75 21.37
CA LYS B 321 4.60 -25.21 20.38
C LYS B 321 6.00 -24.72 20.61
N LEU B 322 6.20 -23.55 21.26
CA LEU B 322 7.56 -23.13 21.57
C LEU B 322 7.94 -23.54 22.99
N ASN B 323 7.01 -24.19 23.70
CA ASN B 323 7.37 -24.67 25.04
C ASN B 323 7.86 -23.52 25.95
N LEU B 324 7.13 -22.41 25.90
CA LEU B 324 7.44 -21.20 26.62
C LEU B 324 7.03 -21.29 28.08
N LYS B 325 7.84 -20.75 28.99
CA LYS B 325 7.42 -20.57 30.38
C LYS B 325 6.14 -19.74 30.37
N GLU B 326 5.34 -19.91 31.41
CA GLU B 326 4.04 -19.28 31.57
C GLU B 326 3.95 -17.76 31.51
N ASP B 327 5.03 -17.07 31.80
CA ASP B 327 5.01 -15.62 31.72
C ASP B 327 5.64 -15.07 30.45
N LYS B 328 6.21 -15.93 29.58
CA LYS B 328 6.82 -15.34 28.38
C LYS B 328 5.89 -14.42 27.61
N LEU B 329 4.64 -14.74 27.44
CA LEU B 329 3.72 -13.93 26.65
C LEU B 329 2.90 -12.92 27.43
N ARG B 330 3.32 -12.62 28.65
CA ARG B 330 2.61 -11.64 29.48
C ARG B 330 2.33 -10.36 28.72
N ALA B 331 3.38 -9.76 28.13
CA ALA B 331 3.19 -8.44 27.50
C ALA B 331 2.22 -8.51 26.34
N SER B 332 2.20 -9.65 25.60
CA SER B 332 1.26 -9.85 24.51
C SER B 332 -0.14 -10.06 25.02
N ARG B 333 -0.25 -10.86 26.12
CA ARG B 333 -1.60 -11.04 26.65
C ARG B 333 -2.08 -9.72 27.29
N HIS B 334 -1.17 -8.97 27.92
CA HIS B 334 -1.60 -7.68 28.53
C HIS B 334 -2.21 -6.73 27.52
N VAL B 335 -1.57 -6.58 26.34
CA VAL B 335 -2.13 -5.72 25.27
C VAL B 335 -3.48 -6.20 24.83
N LEU B 336 -3.58 -7.54 24.58
CA LEU B 336 -4.89 -8.09 24.17
C LEU B 336 -5.94 -7.80 25.25
N SER B 337 -5.58 -7.98 26.53
CA SER B 337 -6.57 -7.69 27.57
C SER B 337 -7.03 -6.23 27.59
N GLU B 338 -6.12 -5.27 27.53
CA GLU B 338 -6.48 -3.85 27.70
C GLU B 338 -6.97 -3.18 26.44
N TYR B 339 -6.71 -3.77 25.25
CA TYR B 339 -7.14 -3.11 24.02
C TYR B 339 -7.80 -4.02 22.95
N GLY B 340 -7.75 -5.33 23.11
CA GLY B 340 -8.31 -6.15 22.00
C GLY B 340 -7.18 -6.28 20.95
N ASN B 341 -7.53 -6.94 19.85
CA ASN B 341 -6.63 -7.13 18.71
C ASN B 341 -6.66 -5.86 17.90
N LEU B 342 -5.59 -5.08 17.81
CA LEU B 342 -5.47 -3.80 17.17
C LEU B 342 -4.92 -3.89 15.75
N ILE B 343 -5.12 -5.07 15.17
CA ILE B 343 -4.67 -5.29 13.78
C ILE B 343 -3.27 -4.85 13.58
N SER B 344 -2.89 -4.08 12.56
CA SER B 344 -1.48 -3.77 12.31
C SER B 344 -0.78 -3.06 13.42
N ALA B 345 -1.49 -2.32 14.28
CA ALA B 345 -0.81 -1.64 15.38
C ALA B 345 -0.57 -2.52 16.59
N CYS B 346 -1.22 -3.69 16.69
CA CYS B 346 -1.09 -4.52 17.88
C CYS B 346 0.30 -4.86 18.37
N VAL B 347 1.18 -5.40 17.50
CA VAL B 347 2.48 -5.82 17.96
C VAL B 347 3.30 -4.57 18.37
N LEU B 348 3.01 -3.42 17.77
CA LEU B 348 3.79 -2.21 18.15
C LEU B 348 3.31 -1.70 19.54
N PHE B 349 2.04 -1.89 19.88
CA PHE B 349 1.68 -1.69 21.31
C PHE B 349 2.42 -2.68 22.18
N ILE B 350 2.73 -3.92 21.68
CA ILE B 350 3.40 -4.87 22.55
C ILE B 350 4.85 -4.50 22.73
N ILE B 351 5.50 -3.97 21.68
CA ILE B 351 6.89 -3.53 21.84
C ILE B 351 6.89 -2.46 22.98
N ASP B 352 5.92 -1.57 22.91
CA ASP B 352 5.90 -0.47 23.96
C ASP B 352 5.73 -1.01 25.36
N GLU B 353 4.86 -2.00 25.51
CA GLU B 353 4.57 -2.69 26.75
C GLU B 353 5.79 -3.39 27.32
N VAL B 354 6.45 -4.16 26.44
CA VAL B 354 7.69 -4.80 26.85
C VAL B 354 8.69 -3.79 27.36
N ARG B 355 8.98 -2.72 26.60
CA ARG B 355 10.03 -1.82 27.10
C ARG B 355 9.51 -1.06 28.32
N LYS B 356 8.24 -0.70 28.40
CA LYS B 356 7.82 0.08 29.61
C LYS B 356 7.89 -0.79 30.86
N ARG B 357 7.39 -2.03 30.72
CA ARG B 357 7.43 -2.96 31.85
C ARG B 357 8.85 -3.26 32.26
N SER B 358 9.78 -3.42 31.32
CA SER B 358 11.16 -3.72 31.69
C SER B 358 11.78 -2.59 32.51
N MET B 359 11.59 -1.35 32.06
CA MET B 359 12.08 -0.19 32.80
C MET B 359 11.39 -0.12 34.18
N ALA B 360 10.08 -0.35 34.24
CA ALA B 360 9.35 -0.25 35.49
C ALA B 360 9.86 -1.32 36.47
N GLU B 361 10.16 -2.52 35.99
CA GLU B 361 10.65 -3.56 36.87
C GLU B 361 12.13 -3.44 37.19
N GLY B 362 12.84 -2.47 36.63
CA GLY B 362 14.27 -2.36 36.80
C GLY B 362 15.05 -3.49 36.14
N LYS B 363 14.64 -4.00 34.96
CA LYS B 363 15.48 -4.98 34.27
C LYS B 363 16.74 -4.38 33.76
N SER B 364 17.72 -5.23 33.42
CA SER B 364 18.97 -4.77 32.85
C SER B 364 18.82 -4.37 31.39
N THR B 365 17.74 -4.74 30.71
CA THR B 365 17.65 -4.42 29.27
C THR B 365 16.20 -4.04 28.98
N THR B 366 15.93 -3.40 27.87
CA THR B 366 14.57 -3.09 27.47
C THR B 366 13.80 -4.37 27.10
N GLY B 367 14.48 -5.49 26.86
CA GLY B 367 13.70 -6.69 26.41
C GLY B 367 13.60 -7.68 27.56
N GLU B 368 12.93 -7.31 28.65
CA GLU B 368 12.77 -8.12 29.83
C GLU B 368 14.06 -8.63 30.44
N GLY B 369 15.14 -7.87 30.42
CA GLY B 369 16.45 -8.27 30.86
C GLY B 369 17.19 -9.23 29.91
N LEU B 370 16.63 -9.58 28.76
CA LEU B 370 17.26 -10.51 27.85
C LEU B 370 17.85 -9.74 26.65
N ASP B 371 18.72 -10.38 25.89
CA ASP B 371 19.35 -9.72 24.77
C ASP B 371 18.59 -9.68 23.45
N CYS B 372 17.94 -10.74 23.03
CA CYS B 372 17.30 -10.82 21.72
C CYS B 372 15.86 -11.22 21.87
N GLY B 373 14.98 -10.74 21.01
CA GLY B 373 13.57 -11.07 21.11
C GLY B 373 13.00 -11.38 19.74
N VAL B 374 11.84 -12.01 19.68
CA VAL B 374 11.25 -12.29 18.37
C VAL B 374 9.83 -11.79 18.33
N LEU B 375 9.48 -11.09 17.29
CA LEU B 375 8.13 -10.56 17.11
C LEU B 375 7.46 -11.29 15.93
N PHE B 376 6.20 -11.63 16.12
CA PHE B 376 5.44 -12.28 15.05
C PHE B 376 4.16 -11.54 14.72
N GLY B 377 3.93 -11.34 13.42
CA GLY B 377 2.67 -10.79 12.92
C GLY B 377 2.00 -11.94 12.09
N PHE B 378 0.70 -12.11 12.14
CA PHE B 378 0.00 -13.17 11.40
C PHE B 378 -1.13 -12.59 10.58
N GLY B 379 -1.20 -12.78 9.26
CA GLY B 379 -2.30 -12.23 8.48
C GLY B 379 -2.67 -13.09 7.27
N PRO B 380 -3.58 -12.61 6.46
CA PRO B 380 -4.11 -13.32 5.31
C PRO B 380 -2.99 -13.79 4.37
N GLY B 381 -3.20 -15.09 4.02
CA GLY B 381 -2.28 -15.68 2.99
C GLY B 381 -2.20 -17.16 3.44
N MET B 382 -2.05 -17.75 4.59
CA MET B 382 -1.66 -17.15 5.81
C MET B 382 -0.24 -16.62 5.66
N THR B 383 0.03 -15.41 6.17
CA THR B 383 1.42 -14.90 6.22
C THR B 383 1.90 -14.78 7.65
N VAL B 384 3.17 -15.06 7.89
CA VAL B 384 3.80 -14.82 9.19
C VAL B 384 4.91 -13.79 8.92
N GLU B 385 5.04 -12.74 9.73
CA GLU B 385 6.18 -11.84 9.62
C GLU B 385 6.98 -12.14 10.88
N THR B 386 8.27 -12.37 10.72
CA THR B 386 9.05 -12.70 11.92
C THR B 386 10.18 -11.69 12.02
N VAL B 387 10.18 -10.84 13.02
CA VAL B 387 11.21 -9.80 13.15
C VAL B 387 12.08 -10.09 14.36
N VAL B 388 13.42 -10.08 14.22
CA VAL B 388 14.20 -10.25 15.45
C VAL B 388 14.61 -8.85 15.96
N LEU B 389 14.47 -8.66 17.26
CA LEU B 389 14.84 -7.33 17.83
C LEU B 389 16.01 -7.49 18.81
N ARG B 390 16.97 -6.57 18.86
CA ARG B 390 17.97 -6.68 19.92
C ARG B 390 17.65 -5.60 20.99
N SER B 391 17.65 -6.03 22.23
N SER B 391 17.60 -5.99 22.21
CA SER B 391 17.39 -5.11 23.37
CA SER B 391 17.31 -5.06 23.31
C SER B 391 18.51 -4.08 23.50
C SER B 391 18.49 -4.09 23.50
N VAL B 392 18.25 -3.10 24.33
CA VAL B 392 19.19 -2.02 24.55
C VAL B 392 19.51 -2.14 26.06
N ARG B 393 20.80 -2.19 26.24
CA ARG B 393 21.33 -2.36 27.56
C ARG B 393 21.09 -1.07 28.34
N VAL B 394 20.52 -1.27 29.53
CA VAL B 394 20.25 -0.13 30.39
C VAL B 394 20.82 -0.25 31.79
#